data_6TQS
#
_entry.id   6TQS
#
_cell.length_a   126.874
_cell.length_b   126.874
_cell.length_c   184.449
_cell.angle_alpha   90.000
_cell.angle_beta   90.000
_cell.angle_gamma   120.000
#
_symmetry.space_group_name_H-M   'P 61 2 2'
#
loop_
_entity.id
_entity.type
_entity.pdbx_description
1 polymer 'Motile sperm domain-containing protein 2'
2 polymer 'Oxysterol-binding protein-related protein 1'
3 non-polymer GLYCEROL
4 non-polymer 'trifluoroacetic acid'
5 non-polymer 'SULFATE ION'
6 non-polymer 'CHLORIDE ION'
7 non-polymer DI(HYDROXYETHYL)ETHER
8 non-polymer 'PENTAETHYLENE GLYCOL'
9 water water
#
loop_
_entity_poly.entity_id
_entity_poly.type
_entity_poly.pdbx_seq_one_letter_code
_entity_poly.pdbx_strand_id
1 'polypeptide(L)'
;MISNEEQTPLLKKINPTESTSKAEENEKVDSKVKAFKKPLSVFKGPLLHISPAEELYFGSTESGEKKTLIVLTNVTKNIV
AFKVRTTAPEKYRVKPSNSSCDPGASVDIVVSPHGGLTVSAQDRFLIMAAEMEQSSGTGPAELTQFWKEVPRNKVMEHRL
RCHTVESSKPNTLTLKDNAFNMSDKTSEDICLQLSRLLESNRKLEDQVQRHHHHHH
;
A,B,C,D,E,F
2 'polypeptide(L)' GAMRSILSEDEFYDALSDSES G,H,I,J,K
#
# COMPACT_ATOMS: atom_id res chain seq x y z
N LYS A 37 -17.13 20.22 -26.55
CA LYS A 37 -16.60 19.23 -27.47
C LYS A 37 -17.61 18.12 -27.74
N LYS A 38 -17.21 17.13 -28.53
CA LYS A 38 -18.07 15.99 -28.79
C LYS A 38 -17.95 14.97 -27.66
N PRO A 39 -19.07 14.44 -27.15
CA PRO A 39 -18.99 13.40 -26.11
C PRO A 39 -18.38 12.13 -26.66
N LEU A 40 -17.50 11.53 -25.86
CA LEU A 40 -16.85 10.29 -26.27
C LEU A 40 -17.85 9.13 -26.27
N SER A 41 -17.74 8.27 -27.26
CA SER A 41 -18.55 7.05 -27.34
C SER A 41 -18.06 6.08 -26.27
N VAL A 42 -18.79 6.02 -25.16
CA VAL A 42 -18.39 5.17 -24.04
C VAL A 42 -19.62 4.60 -23.36
N PHE A 43 -19.66 3.28 -23.21
CA PHE A 43 -20.64 2.65 -22.37
C PHE A 43 -20.17 2.70 -20.92
N LYS A 44 -21.08 3.03 -20.01
CA LYS A 44 -20.75 3.18 -18.60
C LYS A 44 -21.54 2.15 -17.79
N GLY A 45 -20.82 1.31 -17.06
CA GLY A 45 -21.42 0.35 -16.16
C GLY A 45 -20.87 0.50 -14.75
N PRO A 46 -21.30 -0.37 -13.85
CA PRO A 46 -20.83 -0.27 -12.45
C PRO A 46 -19.40 -0.76 -12.24
N LEU A 47 -18.85 -1.53 -13.18
CA LEU A 47 -17.48 -2.02 -13.06
C LEU A 47 -16.53 -1.38 -14.07
N LEU A 48 -16.93 -1.32 -15.33
CA LEU A 48 -16.06 -0.84 -16.39
C LEU A 48 -16.77 0.25 -17.20
N HIS A 49 -15.96 1.19 -17.70
CA HIS A 49 -16.35 2.06 -18.79
C HIS A 49 -15.68 1.53 -20.06
N ILE A 50 -16.47 1.31 -21.10
CA ILE A 50 -16.02 0.65 -22.31
C ILE A 50 -16.18 1.60 -23.49
N SER A 51 -15.08 1.81 -24.22
CA SER A 51 -15.09 2.58 -25.45
C SER A 51 -14.59 1.70 -26.59
N PRO A 52 -15.29 1.65 -27.73
CA PRO A 52 -16.55 2.36 -28.00
C PRO A 52 -17.75 1.73 -27.31
N ALA A 53 -18.90 2.41 -27.37
CA ALA A 53 -20.06 1.97 -26.62
C ALA A 53 -20.73 0.75 -27.25
N GLU A 54 -20.91 0.74 -28.58
CA GLU A 54 -21.68 -0.32 -29.22
C GLU A 54 -21.00 -0.86 -30.47
N GLU A 55 -20.51 0.03 -31.33
CA GLU A 55 -20.05 -0.33 -32.66
C GLU A 55 -18.52 -0.28 -32.73
N LEU A 56 -17.92 -1.37 -33.19
CA LEU A 56 -16.48 -1.44 -33.42
C LEU A 56 -16.18 -1.15 -34.89
N TYR A 57 -15.31 -0.17 -35.13
CA TYR A 57 -14.92 0.22 -36.49
C TYR A 57 -13.44 -0.06 -36.68
N PHE A 58 -13.10 -0.73 -37.78
CA PHE A 58 -11.74 -1.13 -38.08
C PHE A 58 -11.10 -0.15 -39.06
N GLY A 59 -9.83 0.18 -38.81
CA GLY A 59 -9.07 1.04 -39.68
C GLY A 59 -7.82 0.32 -40.18
N SER A 60 -7.16 0.95 -41.16
CA SER A 60 -5.95 0.41 -41.75
C SER A 60 -4.74 1.03 -41.07
N THR A 61 -3.76 0.18 -40.74
CA THR A 61 -2.53 0.63 -40.11
C THR A 61 -1.44 0.81 -41.15
N GLU A 62 -0.43 1.61 -40.79
CA GLU A 62 0.72 1.79 -41.66
C GLU A 62 1.48 0.48 -41.89
N SER A 63 1.34 -0.48 -40.98
CA SER A 63 1.95 -1.79 -41.12
C SER A 63 1.09 -2.76 -41.92
N GLY A 64 0.10 -2.26 -42.65
CA GLY A 64 -0.68 -3.07 -43.57
C GLY A 64 -1.60 -4.10 -42.94
N GLU A 65 -2.45 -3.67 -42.01
CA GLU A 65 -3.43 -4.56 -41.40
C GLU A 65 -4.63 -3.76 -40.94
N LYS A 66 -5.75 -4.46 -40.75
CA LYS A 66 -6.93 -3.88 -40.16
C LYS A 66 -6.86 -4.00 -38.64
N LYS A 67 -7.39 -3.01 -37.95
CA LYS A 67 -7.21 -2.94 -36.50
C LYS A 67 -8.26 -2.03 -35.88
N THR A 68 -8.84 -2.47 -34.77
CA THR A 68 -9.73 -1.67 -33.95
C THR A 68 -9.27 -1.74 -32.50
N LEU A 69 -9.83 -0.87 -31.67
CA LEU A 69 -9.45 -0.78 -30.26
C LEU A 69 -10.68 -0.89 -29.37
N ILE A 70 -10.52 -1.58 -28.24
CA ILE A 70 -11.51 -1.62 -27.17
C ILE A 70 -10.79 -1.18 -25.91
N VAL A 71 -11.16 -0.01 -25.38
CA VAL A 71 -10.56 0.53 -24.17
C VAL A 71 -11.47 0.22 -22.99
N LEU A 72 -10.92 -0.46 -22.00
CA LEU A 72 -11.60 -0.75 -20.75
C LEU A 72 -11.03 0.12 -19.65
N THR A 73 -11.91 0.68 -18.81
CA THR A 73 -11.49 1.52 -17.70
C THR A 73 -12.17 1.03 -16.43
N ASN A 74 -11.36 0.61 -15.46
CA ASN A 74 -11.86 0.17 -14.16
C ASN A 74 -12.24 1.37 -13.33
N VAL A 75 -13.52 1.47 -12.97
CA VAL A 75 -14.03 2.58 -12.18
C VAL A 75 -14.37 2.16 -10.75
N THR A 76 -13.81 1.06 -10.29
CA THR A 76 -14.01 0.56 -8.93
C THR A 76 -12.73 0.71 -8.13
N LYS A 77 -12.81 0.36 -6.85
CA LYS A 77 -11.65 0.41 -5.96
C LYS A 77 -10.86 -0.89 -5.96
N ASN A 78 -11.38 -1.95 -6.56
CA ASN A 78 -10.73 -3.26 -6.58
C ASN A 78 -10.30 -3.61 -7.99
N ILE A 79 -9.52 -4.69 -8.09
CA ILE A 79 -9.12 -5.22 -9.38
C ILE A 79 -10.33 -5.84 -10.07
N VAL A 80 -10.47 -5.59 -11.37
CA VAL A 80 -11.54 -6.16 -12.18
C VAL A 80 -10.90 -7.14 -13.17
N ALA A 81 -11.26 -8.41 -13.05
CA ALA A 81 -10.83 -9.41 -14.03
C ALA A 81 -11.76 -9.36 -15.23
N PHE A 82 -11.17 -9.43 -16.42
CA PHE A 82 -11.96 -9.37 -17.64
C PHE A 82 -11.52 -10.43 -18.62
N LYS A 83 -12.47 -10.88 -19.44
CA LYS A 83 -12.19 -11.76 -20.56
C LYS A 83 -12.93 -11.22 -21.79
N VAL A 84 -12.33 -11.41 -22.96
CA VAL A 84 -12.90 -10.99 -24.22
C VAL A 84 -13.29 -12.23 -25.01
N ARG A 85 -14.52 -12.26 -25.51
CA ARG A 85 -15.02 -13.36 -26.31
C ARG A 85 -15.55 -12.81 -27.63
N THR A 86 -15.57 -13.67 -28.64
CA THR A 86 -16.03 -13.27 -29.96
C THR A 86 -16.75 -14.43 -30.61
N THR A 87 -17.68 -14.10 -31.51
CA THR A 87 -18.38 -15.12 -32.28
C THR A 87 -17.52 -15.72 -33.38
N ALA A 88 -16.37 -15.12 -33.69
CA ALA A 88 -15.46 -15.60 -34.72
C ALA A 88 -14.06 -15.74 -34.13
N PRO A 89 -13.83 -16.73 -33.28
CA PRO A 89 -12.50 -16.89 -32.68
C PRO A 89 -11.42 -17.23 -33.68
N GLU A 90 -11.78 -17.77 -34.85
CA GLU A 90 -10.79 -18.11 -35.86
C GLU A 90 -10.33 -16.92 -36.68
N LYS A 91 -11.03 -15.79 -36.58
CA LYS A 91 -10.79 -14.66 -37.48
C LYS A 91 -9.96 -13.54 -36.86
N TYR A 92 -10.07 -13.32 -35.56
CA TYR A 92 -9.51 -12.13 -34.93
C TYR A 92 -8.38 -12.47 -33.97
N ARG A 93 -7.34 -11.64 -33.97
CA ARG A 93 -6.37 -11.59 -32.89
C ARG A 93 -6.86 -10.59 -31.85
N VAL A 94 -6.92 -11.02 -30.59
CA VAL A 94 -7.46 -10.21 -29.50
C VAL A 94 -6.44 -10.24 -28.38
N LYS A 95 -5.85 -9.08 -28.08
CA LYS A 95 -4.78 -9.00 -27.10
C LYS A 95 -4.86 -7.71 -26.30
N PRO A 96 -5.04 -7.78 -24.97
CA PRO A 96 -5.22 -9.02 -24.21
C PRO A 96 -6.67 -9.52 -24.30
N SER A 97 -6.87 -10.81 -24.01
CA SER A 97 -8.19 -11.41 -24.09
C SER A 97 -8.63 -12.07 -22.78
N ASN A 98 -7.72 -12.28 -21.83
CA ASN A 98 -8.04 -12.95 -20.58
C ASN A 98 -7.11 -12.43 -19.48
N SER A 99 -7.46 -11.29 -18.88
CA SER A 99 -6.55 -10.64 -17.97
C SER A 99 -7.27 -9.88 -16.86
N SER A 100 -6.68 -8.79 -16.38
CA SER A 100 -7.29 -7.99 -15.34
C SER A 100 -6.86 -6.54 -15.50
N CYS A 101 -7.61 -5.65 -14.85
CA CYS A 101 -7.37 -4.22 -14.91
C CYS A 101 -7.34 -3.65 -13.50
N ASP A 102 -6.24 -2.97 -13.16
CA ASP A 102 -6.11 -2.35 -11.86
C ASP A 102 -7.12 -1.23 -11.68
N PRO A 103 -7.49 -0.92 -10.44
CA PRO A 103 -8.46 0.16 -10.21
C PRO A 103 -7.92 1.50 -10.71
N GLY A 104 -8.82 2.27 -11.33
CA GLY A 104 -8.47 3.55 -11.91
C GLY A 104 -7.70 3.48 -13.20
N ALA A 105 -7.16 2.31 -13.57
CA ALA A 105 -6.35 2.17 -14.77
C ALA A 105 -7.22 1.83 -15.97
N SER A 106 -6.63 1.97 -17.16
CA SER A 106 -7.27 1.60 -18.41
C SER A 106 -6.41 0.57 -19.13
N VAL A 107 -7.08 -0.26 -19.94
CA VAL A 107 -6.41 -1.29 -20.74
C VAL A 107 -6.91 -1.19 -22.17
N ASP A 108 -5.97 -1.13 -23.12
CA ASP A 108 -6.31 -1.14 -24.53
C ASP A 108 -6.28 -2.56 -25.07
N ILE A 109 -7.34 -2.96 -25.76
CA ILE A 109 -7.45 -4.29 -26.35
C ILE A 109 -7.33 -4.13 -27.86
N VAL A 110 -6.26 -4.68 -28.43
CA VAL A 110 -6.00 -4.59 -29.86
C VAL A 110 -6.68 -5.76 -30.55
N VAL A 111 -7.57 -5.45 -31.49
CA VAL A 111 -8.30 -6.46 -32.24
C VAL A 111 -8.00 -6.28 -33.72
N SER A 112 -7.56 -7.35 -34.38
CA SER A 112 -7.17 -7.30 -35.77
C SER A 112 -7.57 -8.61 -36.45
N PRO A 113 -8.24 -8.56 -37.59
CA PRO A 113 -8.54 -9.79 -38.32
C PRO A 113 -7.29 -10.34 -38.98
N HIS A 114 -7.24 -11.67 -39.09
CA HIS A 114 -6.13 -12.32 -39.75
C HIS A 114 -6.10 -11.95 -41.23
N GLY A 115 -4.92 -12.04 -41.82
CA GLY A 115 -4.76 -11.61 -43.20
C GLY A 115 -5.65 -12.40 -44.14
N GLY A 116 -6.29 -11.69 -45.07
CA GLY A 116 -7.18 -12.29 -46.03
C GLY A 116 -8.61 -12.45 -45.57
N LEU A 117 -8.86 -12.48 -44.26
CA LEU A 117 -10.20 -12.62 -43.73
C LEU A 117 -10.86 -11.25 -43.59
N THR A 118 -12.15 -11.20 -43.87
CA THR A 118 -12.91 -9.95 -43.88
C THR A 118 -13.80 -9.85 -42.65
N VAL A 119 -14.00 -8.63 -42.18
CA VAL A 119 -14.87 -8.36 -41.04
C VAL A 119 -16.32 -8.48 -41.49
N SER A 120 -17.13 -9.16 -40.68
CA SER A 120 -18.55 -9.35 -40.95
C SER A 120 -19.37 -8.55 -39.94
N ALA A 121 -20.48 -7.98 -40.43
CA ALA A 121 -21.37 -7.24 -39.54
C ALA A 121 -21.99 -8.14 -38.47
N GLN A 122 -21.98 -9.46 -38.68
CA GLN A 122 -22.47 -10.39 -37.67
C GLN A 122 -21.42 -10.73 -36.61
N ASP A 123 -20.17 -10.33 -36.81
CA ASP A 123 -19.15 -10.56 -35.81
C ASP A 123 -19.42 -9.70 -34.58
N ARG A 124 -19.47 -10.33 -33.41
CA ARG A 124 -19.74 -9.64 -32.17
C ARG A 124 -18.67 -10.00 -31.15
N PHE A 125 -18.42 -9.07 -30.22
CA PHE A 125 -17.47 -9.27 -29.14
C PHE A 125 -18.16 -9.15 -27.80
N LEU A 126 -17.74 -9.99 -26.86
CA LEU A 126 -18.32 -10.03 -25.52
C LEU A 126 -17.27 -9.65 -24.50
N ILE A 127 -17.57 -8.68 -23.65
CA ILE A 127 -16.71 -8.29 -22.54
C ILE A 127 -17.34 -8.82 -21.26
N MET A 128 -16.64 -9.74 -20.60
CA MET A 128 -17.04 -10.27 -19.30
C MET A 128 -16.19 -9.63 -18.23
N ALA A 129 -16.83 -9.06 -17.21
CA ALA A 129 -16.10 -8.40 -16.13
C ALA A 129 -16.68 -8.80 -14.78
N ALA A 130 -15.80 -9.01 -13.82
CA ALA A 130 -16.20 -9.29 -12.44
C ALA A 130 -15.15 -8.72 -11.51
N GLU A 131 -15.61 -8.18 -10.37
CA GLU A 131 -14.71 -7.55 -9.42
C GLU A 131 -13.98 -8.61 -8.61
N MET A 132 -12.67 -8.45 -8.48
CA MET A 132 -11.87 -9.40 -7.73
C MET A 132 -11.76 -8.98 -6.27
N GLU A 133 -11.31 -9.92 -5.44
CA GLU A 133 -11.16 -9.64 -4.02
C GLU A 133 -9.98 -8.69 -3.78
N GLN A 134 -9.89 -8.20 -2.55
CA GLN A 134 -8.88 -7.20 -2.22
C GLN A 134 -7.48 -7.79 -2.27
N SER A 135 -7.33 -9.06 -1.91
CA SER A 135 -6.03 -9.73 -1.94
C SER A 135 -6.07 -10.93 -2.88
N SER A 136 -6.50 -10.72 -4.11
CA SER A 136 -6.64 -11.80 -5.09
C SER A 136 -5.50 -11.76 -6.10
N GLY A 137 -5.13 -12.95 -6.58
CA GLY A 137 -4.06 -13.04 -7.55
C GLY A 137 -4.55 -12.83 -8.97
N THR A 138 -3.63 -12.37 -9.83
CA THR A 138 -3.95 -12.09 -11.22
C THR A 138 -3.16 -12.96 -12.19
N GLY A 139 -2.46 -13.97 -11.69
CA GLY A 139 -1.75 -14.88 -12.56
C GLY A 139 -2.69 -15.83 -13.27
N PRO A 140 -2.11 -16.62 -14.18
CA PRO A 140 -2.95 -17.49 -15.03
C PRO A 140 -3.81 -18.46 -14.25
N ALA A 141 -3.23 -19.20 -13.30
CA ALA A 141 -4.01 -20.16 -12.53
C ALA A 141 -5.01 -19.47 -11.61
N GLU A 142 -4.67 -18.28 -11.10
CA GLU A 142 -5.60 -17.55 -10.25
C GLU A 142 -6.78 -17.03 -11.05
N LEU A 143 -6.55 -16.57 -12.28
CA LEU A 143 -7.65 -16.13 -13.13
C LEU A 143 -8.57 -17.29 -13.50
N THR A 144 -7.99 -18.45 -13.80
CA THR A 144 -8.79 -19.63 -14.11
C THR A 144 -9.68 -20.00 -12.92
N GLN A 145 -9.11 -20.01 -11.72
CA GLN A 145 -9.89 -20.36 -10.54
C GLN A 145 -10.96 -19.30 -10.25
N PHE A 146 -10.64 -18.03 -10.48
CA PHE A 146 -11.61 -16.97 -10.21
C PHE A 146 -12.87 -17.14 -11.05
N TRP A 147 -12.70 -17.40 -12.35
CA TRP A 147 -13.85 -17.54 -13.23
C TRP A 147 -14.59 -18.86 -13.03
N LYS A 148 -13.94 -19.86 -12.44
CA LYS A 148 -14.63 -21.09 -12.09
C LYS A 148 -15.45 -20.96 -10.81
N GLU A 149 -15.18 -19.94 -9.99
CA GLU A 149 -15.84 -19.77 -8.70
C GLU A 149 -16.82 -18.62 -8.65
N VAL A 150 -16.62 -17.57 -9.44
CA VAL A 150 -17.43 -16.36 -9.30
C VAL A 150 -18.89 -16.69 -9.61
N PRO A 151 -19.84 -16.30 -8.75
CA PRO A 151 -21.25 -16.52 -9.07
C PRO A 151 -21.65 -15.71 -10.29
N ARG A 152 -22.51 -16.31 -11.13
CA ARG A 152 -22.80 -15.72 -12.43
C ARG A 152 -23.55 -14.39 -12.32
N ASN A 153 -24.23 -14.12 -11.20
CA ASN A 153 -24.94 -12.86 -11.05
CA ASN A 153 -24.94 -12.87 -11.04
C ASN A 153 -24.02 -11.71 -10.68
N LYS A 154 -22.75 -11.98 -10.38
CA LYS A 154 -21.76 -10.94 -10.15
C LYS A 154 -20.86 -10.72 -11.35
N VAL A 155 -21.17 -11.34 -12.48
CA VAL A 155 -20.39 -11.22 -13.71
C VAL A 155 -21.12 -10.26 -14.62
N MET A 156 -20.51 -9.10 -14.88
CA MET A 156 -21.09 -8.10 -15.76
C MET A 156 -20.64 -8.34 -17.19
N GLU A 157 -21.55 -8.14 -18.14
CA GLU A 157 -21.30 -8.40 -19.55
C GLU A 157 -21.74 -7.22 -20.40
N HIS A 158 -21.02 -7.00 -21.50
CA HIS A 158 -21.37 -5.97 -22.46
C HIS A 158 -20.92 -6.43 -23.83
N ARG A 159 -21.81 -6.31 -24.83
CA ARG A 159 -21.56 -6.82 -26.17
C ARG A 159 -21.29 -5.67 -27.13
N LEU A 160 -20.38 -5.93 -28.08
CA LEU A 160 -20.05 -4.98 -29.13
C LEU A 160 -20.24 -5.65 -30.48
N ARG A 161 -20.57 -4.85 -31.50
CA ARG A 161 -20.80 -5.35 -32.84
C ARG A 161 -19.81 -4.72 -33.81
N CYS A 162 -19.28 -5.55 -34.70
CA CYS A 162 -18.36 -5.07 -35.72
C CYS A 162 -19.13 -4.47 -36.90
N HIS A 163 -18.63 -3.36 -37.41
CA HIS A 163 -19.15 -2.77 -38.64
C HIS A 163 -18.27 -3.17 -39.80
N THR A 164 -18.87 -3.24 -40.99
CA THR A 164 -18.13 -3.64 -42.17
C THR A 164 -17.00 -2.64 -42.46
N VAL A 165 -15.90 -3.16 -43.01
CA VAL A 165 -14.72 -2.34 -43.24
C VAL A 165 -14.99 -1.31 -44.32
N GLU A 166 -14.57 -0.07 -44.06
CA GLU A 166 -14.60 1.00 -45.04
C GLU A 166 -13.17 1.42 -45.36
N SER A 167 -12.94 1.78 -46.62
CA SER A 167 -11.61 2.21 -47.04
C SER A 167 -11.68 3.07 -48.30
N PHE B 36 -8.18 -6.57 4.50
CA PHE B 36 -7.48 -5.39 5.01
C PHE B 36 -8.37 -4.16 4.94
N LYS B 37 -8.24 -3.28 5.93
CA LYS B 37 -9.04 -2.06 6.03
C LYS B 37 -8.26 -0.88 5.47
N LYS B 38 -9.01 0.14 5.06
CA LYS B 38 -8.39 1.37 4.59
C LYS B 38 -7.71 2.07 5.76
N PRO B 39 -6.45 2.48 5.62
CA PRO B 39 -5.75 3.13 6.73
C PRO B 39 -6.44 4.43 7.12
N LEU B 40 -6.71 4.59 8.42
CA LEU B 40 -7.33 5.79 8.92
C LEU B 40 -6.43 6.99 8.69
N SER B 41 -6.97 8.03 8.05
CA SER B 41 -6.22 9.26 7.82
C SER B 41 -5.98 9.95 9.17
N VAL B 42 -4.72 9.95 9.62
CA VAL B 42 -4.37 10.50 10.92
C VAL B 42 -2.95 11.02 10.87
N PHE B 43 -2.76 12.24 11.37
CA PHE B 43 -1.44 12.80 11.60
C PHE B 43 -1.03 12.50 13.05
N LYS B 44 0.15 11.91 13.21
CA LYS B 44 0.64 11.53 14.52
C LYS B 44 1.80 12.46 14.90
N GLY B 45 1.60 13.21 15.99
CA GLY B 45 2.64 14.06 16.51
C GLY B 45 3.01 13.70 17.93
N PRO B 46 3.94 14.44 18.54
CA PRO B 46 4.35 14.11 19.91
C PRO B 46 3.29 14.41 20.95
N LEU B 47 2.42 15.40 20.71
CA LEU B 47 1.40 15.78 21.68
C LEU B 47 0.00 15.28 21.30
N LEU B 48 -0.35 15.29 20.02
CA LEU B 48 -1.70 14.95 19.60
C LEU B 48 -1.66 14.07 18.35
N HIS B 49 -2.71 13.26 18.19
CA HIS B 49 -3.02 12.61 16.93
C HIS B 49 -4.20 13.34 16.30
N ILE B 50 -4.02 13.80 15.07
CA ILE B 50 -5.00 14.65 14.40
C ILE B 50 -5.57 13.89 13.22
N SER B 51 -6.89 13.77 13.17
CA SER B 51 -7.60 13.10 12.09
C SER B 51 -8.66 14.05 11.54
N PRO B 52 -8.67 14.30 10.21
CA PRO B 52 -7.76 13.73 9.22
C PRO B 52 -6.37 14.37 9.24
N ALA B 53 -5.46 13.85 8.42
CA ALA B 53 -4.07 14.26 8.48
C ALA B 53 -3.81 15.56 7.73
N GLU B 54 -4.40 15.73 6.54
CA GLU B 54 -4.10 16.88 5.72
C GLU B 54 -5.35 17.56 5.19
N GLU B 55 -6.10 16.88 4.32
CA GLU B 55 -7.20 17.49 3.59
C GLU B 55 -8.50 17.37 4.37
N LEU B 56 -9.22 18.48 4.48
CA LEU B 56 -10.54 18.51 5.10
C LEU B 56 -11.60 18.48 4.00
N TYR B 57 -12.53 17.53 4.10
CA TYR B 57 -13.62 17.39 3.14
C TYR B 57 -14.94 17.71 3.82
N PHE B 58 -15.70 18.63 3.23
CA PHE B 58 -16.97 19.05 3.79
C PHE B 58 -18.10 18.20 3.21
N GLY B 59 -19.03 17.81 4.07
CA GLY B 59 -20.18 17.03 3.67
C GLY B 59 -21.47 17.71 4.07
N SER B 60 -22.50 17.53 3.25
CA SER B 60 -23.81 18.10 3.55
C SER B 60 -24.45 17.30 4.69
N THR B 61 -24.81 18.00 5.77
CA THR B 61 -25.46 17.37 6.90
C THR B 61 -26.96 17.28 6.65
N GLU B 62 -27.68 16.65 7.58
CA GLU B 62 -29.13 16.54 7.45
C GLU B 62 -29.80 17.90 7.56
N SER B 63 -29.24 18.80 8.36
CA SER B 63 -29.85 20.11 8.56
C SER B 63 -28.82 21.23 8.49
N GLY B 64 -27.70 21.08 9.19
CA GLY B 64 -26.72 22.17 9.32
C GLY B 64 -25.89 22.44 8.09
N GLU B 65 -26.21 21.82 6.96
CA GLU B 65 -25.55 22.07 5.67
C GLU B 65 -24.07 21.68 5.75
N LYS B 66 -23.24 22.36 4.95
CA LYS B 66 -21.85 21.97 4.76
C LYS B 66 -21.10 21.94 6.10
N LYS B 67 -20.23 20.93 6.25
CA LYS B 67 -19.58 20.68 7.53
C LYS B 67 -18.49 19.63 7.35
N THR B 68 -17.34 19.88 7.98
CA THR B 68 -16.26 18.91 8.08
C THR B 68 -15.89 18.76 9.55
N LEU B 69 -15.15 17.69 9.86
CA LEU B 69 -14.80 17.37 11.24
C LEU B 69 -13.29 17.27 11.43
N ILE B 70 -12.86 17.60 12.64
CA ILE B 70 -11.46 17.50 13.06
C ILE B 70 -11.45 16.84 14.43
N VAL B 71 -10.77 15.70 14.54
CA VAL B 71 -10.70 14.93 15.78
C VAL B 71 -9.28 14.98 16.31
N LEU B 72 -9.13 15.38 17.57
CA LEU B 72 -7.85 15.44 18.24
C LEU B 72 -7.82 14.42 19.37
N THR B 73 -6.70 13.69 19.48
CA THR B 73 -6.53 12.68 20.51
C THR B 73 -5.25 12.95 21.28
N ASN B 74 -5.36 13.05 22.61
CA ASN B 74 -4.21 13.29 23.46
C ASN B 74 -3.46 11.98 23.67
N VAL B 75 -2.18 11.96 23.26
CA VAL B 75 -1.34 10.78 23.38
C VAL B 75 -0.31 10.93 24.48
N THR B 76 -0.38 12.01 25.27
CA THR B 76 0.54 12.25 26.36
C THR B 76 -0.08 11.83 27.68
N LYS B 77 0.65 12.07 28.77
CA LYS B 77 0.17 11.77 30.12
C LYS B 77 -0.46 12.98 30.79
N ASN B 78 -0.30 14.18 30.24
CA ASN B 78 -0.84 15.40 30.81
C ASN B 78 -1.93 15.96 29.90
N ILE B 79 -2.64 16.96 30.42
CA ILE B 79 -3.66 17.64 29.64
C ILE B 79 -3.00 18.52 28.60
N VAL B 80 -3.56 18.55 27.40
CA VAL B 80 -3.02 19.33 26.28
C VAL B 80 -4.04 20.41 25.92
N ALA B 81 -3.59 21.66 25.97
CA ALA B 81 -4.41 22.79 25.52
C ALA B 81 -4.25 22.97 24.02
N PHE B 82 -5.34 23.38 23.37
CA PHE B 82 -5.33 23.52 21.92
C PHE B 82 -6.14 24.74 21.50
N LYS B 83 -5.71 25.36 20.40
CA LYS B 83 -6.39 26.49 19.79
C LYS B 83 -6.43 26.28 18.29
N VAL B 84 -7.48 26.80 17.65
CA VAL B 84 -7.71 26.64 16.22
C VAL B 84 -7.56 27.99 15.54
N ARG B 85 -6.95 27.99 14.35
CA ARG B 85 -6.79 29.19 13.55
C ARG B 85 -7.13 28.86 12.10
N THR B 86 -7.35 29.92 11.31
CA THR B 86 -7.74 29.75 9.92
C THR B 86 -7.34 30.98 9.13
N THR B 87 -7.00 30.77 7.85
CA THR B 87 -6.69 31.88 6.96
C THR B 87 -7.93 32.69 6.61
N ALA B 88 -9.12 32.14 6.80
CA ALA B 88 -10.38 32.82 6.54
C ALA B 88 -11.29 32.69 7.75
N PRO B 89 -10.99 33.42 8.83
CA PRO B 89 -11.85 33.34 10.03
C PRO B 89 -13.23 33.94 9.82
N GLU B 90 -13.40 34.81 8.82
CA GLU B 90 -14.67 35.44 8.53
C GLU B 90 -15.62 34.54 7.75
N LYS B 91 -15.20 33.32 7.43
CA LYS B 91 -15.97 32.41 6.59
C LYS B 91 -16.50 31.20 7.33
N TYR B 92 -15.74 30.65 8.27
CA TYR B 92 -16.07 29.40 8.94
C TYR B 92 -16.45 29.64 10.40
N ARG B 93 -17.14 28.65 10.96
CA ARG B 93 -17.48 28.61 12.38
C ARG B 93 -16.86 27.36 12.98
N VAL B 94 -16.00 27.53 13.98
CA VAL B 94 -15.25 26.44 14.59
C VAL B 94 -15.63 26.35 16.05
N LYS B 95 -15.92 25.14 16.51
CA LYS B 95 -16.30 24.93 17.90
C LYS B 95 -16.05 23.48 18.31
N PRO B 96 -15.25 23.23 19.35
CA PRO B 96 -14.54 24.22 20.15
C PRO B 96 -13.29 24.72 19.45
N SER B 97 -12.82 25.90 19.83
CA SER B 97 -11.66 26.52 19.20
C SER B 97 -10.60 26.94 20.21
N ASN B 98 -10.87 26.83 21.51
CA ASN B 98 -9.92 27.22 22.54
C ASN B 98 -10.19 26.46 23.84
N SER B 99 -9.83 25.18 23.87
CA SER B 99 -10.14 24.35 25.02
C SER B 99 -8.96 23.46 25.41
N SER B 100 -9.25 22.30 26.01
CA SER B 100 -8.21 21.37 26.41
C SER B 100 -8.74 19.95 26.28
N CYS B 101 -7.81 19.01 26.10
CA CYS B 101 -8.13 17.59 25.96
C CYS B 101 -7.37 16.81 27.03
N ASP B 102 -8.10 16.04 27.83
CA ASP B 102 -7.50 15.24 28.87
C ASP B 102 -6.70 14.09 28.25
N PRO B 103 -5.70 13.59 28.96
CA PRO B 103 -4.88 12.50 28.41
C PRO B 103 -5.71 11.25 28.14
N GLY B 104 -5.45 10.62 27.00
CA GLY B 104 -6.19 9.46 26.56
C GLY B 104 -7.54 9.75 25.95
N ALA B 105 -8.08 10.95 26.15
CA ALA B 105 -9.38 11.32 25.63
C ALA B 105 -9.26 11.92 24.23
N SER B 106 -10.41 12.14 23.60
CA SER B 106 -10.49 12.73 22.27
C SER B 106 -11.51 13.85 22.26
N VAL B 107 -11.31 14.80 21.34
CA VAL B 107 -12.18 15.96 21.20
C VAL B 107 -12.60 16.09 19.75
N ASP B 108 -13.91 16.22 19.52
CA ASP B 108 -14.46 16.43 18.20
C ASP B 108 -14.65 17.92 17.96
N ILE B 109 -14.00 18.46 16.93
CA ILE B 109 -14.09 19.87 16.57
C ILE B 109 -14.95 19.98 15.33
N VAL B 110 -16.03 20.77 15.42
CA VAL B 110 -16.99 20.92 14.34
C VAL B 110 -16.67 22.21 13.58
N VAL B 111 -16.45 22.08 12.28
N VAL B 111 -16.47 22.09 12.28
CA VAL B 111 -16.12 23.22 11.42
CA VAL B 111 -16.20 23.23 11.40
C VAL B 111 -17.21 23.33 10.36
C VAL B 111 -17.33 23.27 10.38
N SER B 112 -17.99 24.41 10.44
N SER B 112 -18.34 24.10 10.64
CA SER B 112 -19.07 24.64 9.49
CA SER B 112 -19.49 24.22 9.75
C SER B 112 -18.94 26.06 8.92
C SER B 112 -19.76 25.71 9.53
N PRO B 113 -18.91 26.20 7.60
N PRO B 113 -19.73 26.19 8.30
CA PRO B 113 -18.81 27.54 7.02
CA PRO B 113 -20.02 27.61 8.06
C PRO B 113 -20.11 28.32 7.16
C PRO B 113 -21.49 27.92 8.30
N HIS B 114 -20.01 29.63 6.99
N HIS B 114 -21.81 29.22 8.21
CA HIS B 114 -21.19 30.47 7.00
CA HIS B 114 -23.16 29.68 8.46
C HIS B 114 -22.02 30.24 5.75
C HIS B 114 -24.03 29.67 7.20
N GLY B 115 -23.35 30.13 5.93
N GLY B 115 -23.42 29.72 6.02
CA GLY B 115 -24.24 29.89 4.82
CA GLY B 115 -24.18 29.66 4.77
C GLY B 115 -24.17 30.95 3.74
C GLY B 115 -23.94 30.84 3.86
N GLY B 116 -24.04 30.50 2.49
N GLY B 116 -24.06 30.61 2.55
CA GLY B 116 -23.90 31.40 1.36
CA GLY B 116 -23.88 31.65 1.56
C GLY B 116 -22.48 31.63 0.91
C GLY B 116 -22.47 31.88 1.10
N LEU B 117 -21.49 31.17 1.67
CA LEU B 117 -20.09 31.32 1.31
C LEU B 117 -19.57 30.01 0.71
N THR B 118 -18.44 30.12 0.01
CA THR B 118 -17.85 29.00 -0.71
C THR B 118 -16.56 28.58 -0.05
N VAL B 119 -16.44 27.28 0.24
CA VAL B 119 -15.18 26.74 0.76
C VAL B 119 -14.11 26.85 -0.32
N SER B 120 -12.98 27.44 0.04
CA SER B 120 -11.91 27.68 -0.90
C SER B 120 -10.79 26.67 -0.69
N ALA B 121 -10.22 26.19 -1.80
CA ALA B 121 -9.02 25.35 -1.72
C ALA B 121 -7.83 26.13 -1.19
N GLN B 122 -7.90 27.46 -1.17
CA GLN B 122 -6.84 28.26 -0.58
C GLN B 122 -6.99 28.40 0.93
N ASP B 123 -8.16 28.06 1.47
CA ASP B 123 -8.38 28.18 2.90
C ASP B 123 -7.57 27.14 3.66
N ARG B 124 -6.89 27.58 4.71
CA ARG B 124 -6.05 26.73 5.54
C ARG B 124 -6.56 26.76 6.98
N PHE B 125 -6.18 25.72 7.74
CA PHE B 125 -6.47 25.64 9.16
C PHE B 125 -5.19 25.28 9.89
N LEU B 126 -5.11 25.68 11.16
CA LEU B 126 -3.92 25.48 11.96
C LEU B 126 -4.32 25.08 13.38
N ILE B 127 -3.74 23.99 13.87
CA ILE B 127 -4.00 23.50 15.22
C ILE B 127 -2.75 23.77 16.05
N MET B 128 -2.91 24.55 17.12
CA MET B 128 -1.84 24.81 18.07
C MET B 128 -2.04 23.94 19.29
N ALA B 129 -0.98 23.30 19.75
CA ALA B 129 -1.06 22.40 20.90
C ALA B 129 0.16 22.58 21.79
N ALA B 130 -0.07 22.60 23.10
CA ALA B 130 0.99 22.69 24.09
C ALA B 130 0.61 21.87 25.30
N GLU B 131 1.58 21.15 25.85
CA GLU B 131 1.34 20.29 27.00
C GLU B 131 1.39 21.10 28.29
N MET B 132 0.32 21.00 29.08
CA MET B 132 0.22 21.76 30.32
C MET B 132 0.93 20.99 31.44
N GLU B 133 0.80 21.49 32.68
CA GLU B 133 1.40 20.83 33.83
C GLU B 133 0.55 19.62 34.21
N GLN B 134 0.85 19.01 35.35
CA GLN B 134 0.05 17.87 35.80
C GLN B 134 -1.35 18.32 36.20
N SER B 135 -1.45 19.42 36.94
CA SER B 135 -2.74 19.98 37.36
C SER B 135 -2.75 21.46 37.00
N SER B 136 -3.33 21.79 35.84
CA SER B 136 -3.39 23.15 35.36
C SER B 136 -4.84 23.60 35.23
N GLY B 137 -5.03 24.91 35.22
CA GLY B 137 -6.37 25.46 35.17
C GLY B 137 -7.02 25.19 33.81
N THR B 138 -8.22 24.64 33.83
CA THR B 138 -8.95 24.31 32.60
C THR B 138 -9.84 25.44 32.12
N GLY B 139 -10.26 26.34 33.02
CA GLY B 139 -11.13 27.44 32.67
C GLY B 139 -10.51 28.35 31.63
N PRO B 140 -11.35 29.12 30.94
CA PRO B 140 -10.84 29.99 29.86
C PRO B 140 -9.85 31.02 30.34
N ALA B 141 -10.01 31.56 31.56
CA ALA B 141 -9.08 32.56 32.06
C ALA B 141 -7.70 31.96 32.32
N GLU B 142 -7.66 30.74 32.85
CA GLU B 142 -6.38 30.09 33.11
C GLU B 142 -5.70 29.66 31.81
N LEU B 143 -6.47 29.34 30.79
CA LEU B 143 -5.88 28.98 29.50
C LEU B 143 -5.18 30.18 28.87
N THR B 144 -5.80 31.35 28.95
CA THR B 144 -5.18 32.55 28.37
C THR B 144 -3.85 32.86 29.06
N GLN B 145 -3.78 32.66 30.37
CA GLN B 145 -2.51 32.83 31.07
C GLN B 145 -1.51 31.76 30.64
N PHE B 146 -1.98 30.52 30.44
CA PHE B 146 -1.07 29.44 30.08
C PHE B 146 -0.42 29.70 28.73
N TRP B 147 -1.19 30.14 27.74
CA TRP B 147 -0.65 30.35 26.40
C TRP B 147 0.33 31.52 26.38
N LYS B 148 0.17 32.49 27.27
CA LYS B 148 1.15 33.56 27.39
C LYS B 148 2.34 33.17 28.26
N GLU B 149 2.19 32.14 29.10
CA GLU B 149 3.30 31.61 29.87
C GLU B 149 4.10 30.55 29.12
N VAL B 150 3.44 29.79 28.24
CA VAL B 150 4.11 28.67 27.59
C VAL B 150 5.15 29.18 26.60
N PRO B 151 6.33 28.57 26.51
CA PRO B 151 7.29 28.99 25.49
C PRO B 151 6.80 28.62 24.09
N ARG B 152 7.23 29.41 23.11
CA ARG B 152 6.80 29.17 21.74
C ARG B 152 7.46 27.94 21.14
N ASN B 153 8.66 27.58 21.61
CA ASN B 153 9.32 26.37 21.13
C ASN B 153 8.72 25.10 21.72
N LYS B 154 7.78 25.21 22.65
CA LYS B 154 7.05 24.06 23.19
C LYS B 154 5.61 24.01 22.70
N VAL B 155 5.27 24.81 21.69
CA VAL B 155 3.93 24.82 21.11
C VAL B 155 4.01 24.13 19.76
N MET B 156 3.31 23.00 19.63
CA MET B 156 3.27 22.26 18.37
C MET B 156 2.18 22.82 17.48
N GLU B 157 2.41 22.75 16.17
CA GLU B 157 1.47 23.23 15.17
C GLU B 157 1.31 22.21 14.05
N HIS B 158 0.09 22.13 13.51
CA HIS B 158 -0.20 21.26 12.38
C HIS B 158 -1.21 21.97 11.48
N ARG B 159 -0.89 22.06 10.20
CA ARG B 159 -1.72 22.76 9.24
CA ARG B 159 -1.72 22.76 9.23
C ARG B 159 -2.59 21.78 8.46
N LEU B 160 -3.82 22.19 8.18
CA LEU B 160 -4.79 21.41 7.42
C LEU B 160 -5.27 22.23 6.23
N ARG B 161 -5.57 21.54 5.14
CA ARG B 161 -6.00 22.17 3.90
C ARG B 161 -7.46 21.84 3.63
N CYS B 162 -8.28 22.86 3.43
CA CYS B 162 -9.67 22.66 3.06
C CYS B 162 -9.78 22.26 1.60
N HIS B 163 -10.78 21.43 1.31
CA HIS B 163 -11.08 21.00 -0.04
C HIS B 163 -12.45 21.51 -0.45
N THR B 164 -12.54 22.02 -1.67
CA THR B 164 -13.81 22.57 -2.15
C THR B 164 -14.89 21.49 -2.18
N VAL B 165 -16.12 21.92 -1.91
CA VAL B 165 -17.25 20.98 -1.86
C VAL B 165 -17.45 20.36 -3.23
N GLU B 166 -17.40 19.04 -3.28
CA GLU B 166 -17.64 18.32 -4.53
C GLU B 166 -19.13 18.30 -4.83
N SER B 167 -19.49 18.68 -6.05
CA SER B 167 -20.90 18.78 -6.45
C SER B 167 -21.63 17.46 -6.31
N ALA C 35 26.03 15.83 0.19
CA ALA C 35 27.08 14.82 0.03
C ALA C 35 26.49 13.41 0.06
N PHE C 36 25.17 13.33 0.29
CA PHE C 36 24.49 12.05 0.28
C PHE C 36 24.36 11.53 -1.15
N LYS C 37 24.83 10.30 -1.38
CA LYS C 37 24.87 9.76 -2.72
C LYS C 37 23.47 9.48 -3.25
N LYS C 38 23.31 9.67 -4.55
CA LYS C 38 22.07 9.27 -5.22
C LYS C 38 21.98 7.75 -5.24
N PRO C 39 20.87 7.16 -4.81
CA PRO C 39 20.76 5.69 -4.82
C PRO C 39 20.80 5.16 -6.25
N LEU C 40 21.58 4.08 -6.43
CA LEU C 40 21.72 3.47 -7.75
C LEU C 40 20.42 2.83 -8.18
N SER C 41 20.01 3.11 -9.42
CA SER C 41 18.79 2.50 -9.98
C SER C 41 19.07 1.04 -10.29
N VAL C 42 18.41 0.14 -9.56
CA VAL C 42 18.63 -1.30 -9.73
C VAL C 42 17.36 -2.04 -9.37
N PHE C 43 16.95 -2.97 -10.24
CA PHE C 43 15.92 -3.93 -9.91
C PHE C 43 16.57 -5.18 -9.33
N LYS C 44 16.10 -5.62 -8.18
CA LYS C 44 16.65 -6.77 -7.49
C LYS C 44 15.65 -7.91 -7.51
N GLY C 45 16.05 -9.04 -8.09
CA GLY C 45 15.24 -10.23 -8.11
C GLY C 45 15.95 -11.40 -7.47
N PRO C 46 15.32 -12.58 -7.47
CA PRO C 46 15.96 -13.74 -6.83
C PRO C 46 17.17 -14.25 -7.59
N LEU C 47 17.22 -14.06 -8.91
CA LEU C 47 18.34 -14.55 -9.71
C LEU C 47 19.28 -13.43 -10.12
N LEU C 48 18.75 -12.32 -10.63
CA LEU C 48 19.56 -11.23 -11.16
C LEU C 48 19.25 -9.92 -10.48
N HIS C 49 20.27 -9.07 -10.38
CA HIS C 49 20.09 -7.64 -10.16
C HIS C 49 20.33 -6.94 -11.49
N ILE C 50 19.42 -6.03 -11.85
CA ILE C 50 19.42 -5.42 -13.18
C ILE C 50 19.45 -3.91 -13.02
N SER C 51 20.44 -3.27 -13.64
CA SER C 51 20.57 -1.83 -13.62
CA SER C 51 20.57 -1.83 -13.62
C SER C 51 20.59 -1.30 -15.05
N PRO C 52 19.77 -0.29 -15.39
CA PRO C 52 18.80 0.37 -14.52
C PRO C 52 17.56 -0.47 -14.22
N ALA C 53 16.68 0.05 -13.35
CA ALA C 53 15.56 -0.74 -12.87
C ALA C 53 14.45 -0.83 -13.92
N GLU C 54 14.13 0.27 -14.59
CA GLU C 54 12.98 0.28 -15.51
C GLU C 54 13.29 1.01 -16.81
N GLU C 55 13.87 2.20 -16.71
CA GLU C 55 13.99 3.10 -17.86
C GLU C 55 15.41 3.08 -18.40
N LEU C 56 15.53 2.89 -19.71
CA LEU C 56 16.81 2.90 -20.41
C LEU C 56 17.01 4.24 -21.10
N TYR C 57 18.13 4.90 -20.80
CA TYR C 57 18.47 6.18 -21.40
C TYR C 57 19.68 6.00 -22.31
N PHE C 58 19.58 6.55 -23.53
CA PHE C 58 20.61 6.43 -24.54
C PHE C 58 21.46 7.69 -24.57
N GLY C 59 22.77 7.51 -24.76
CA GLY C 59 23.70 8.60 -24.93
C GLY C 59 24.49 8.46 -26.21
N SER C 60 25.30 9.49 -26.48
CA SER C 60 26.14 9.53 -27.67
C SER C 60 27.56 9.12 -27.32
N THR C 61 28.08 8.13 -28.03
CA THR C 61 29.44 7.67 -27.80
C THR C 61 30.42 8.50 -28.63
N GLU C 62 31.69 8.45 -28.23
CA GLU C 62 32.74 9.09 -29.02
C GLU C 62 32.89 8.42 -30.39
N SER C 63 32.45 7.17 -30.52
CA SER C 63 32.45 6.47 -31.80
C SER C 63 31.22 6.78 -32.64
N GLY C 64 30.44 7.79 -32.27
CA GLY C 64 29.34 8.25 -33.09
C GLY C 64 28.14 7.32 -33.18
N GLU C 65 27.67 6.81 -32.04
CA GLU C 65 26.49 5.97 -32.02
C GLU C 65 25.69 6.23 -30.75
N LYS C 66 24.39 5.99 -30.83
CA LYS C 66 23.55 5.99 -29.64
C LYS C 66 23.70 4.66 -28.91
N LYS C 67 23.71 4.72 -27.58
CA LYS C 67 24.04 3.52 -26.81
C LYS C 67 23.47 3.63 -25.40
N THR C 68 22.94 2.52 -24.91
CA THR C 68 22.54 2.37 -23.51
C THR C 68 23.11 1.07 -22.98
N LEU C 69 23.03 0.88 -21.67
CA LEU C 69 23.62 -0.27 -21.01
C LEU C 69 22.60 -0.96 -20.12
N ILE C 70 22.60 -2.28 -20.15
CA ILE C 70 21.84 -3.11 -19.21
C ILE C 70 22.87 -3.94 -18.45
N VAL C 71 23.00 -3.67 -17.15
CA VAL C 71 23.98 -4.34 -16.31
C VAL C 71 23.28 -5.45 -15.54
N LEU C 72 23.65 -6.69 -15.82
CA LEU C 72 23.14 -7.85 -15.11
C LEU C 72 24.17 -8.31 -14.09
N THR C 73 23.72 -8.65 -12.89
CA THR C 73 24.59 -9.16 -11.83
C THR C 73 23.98 -10.45 -11.30
N ASN C 74 24.75 -11.53 -11.37
CA ASN C 74 24.31 -12.82 -10.85
C ASN C 74 24.47 -12.84 -9.34
N VAL C 75 23.36 -13.04 -8.63
CA VAL C 75 23.37 -13.04 -7.17
C VAL C 75 23.13 -14.44 -6.61
N THR C 76 23.27 -15.47 -7.44
CA THR C 76 23.11 -16.86 -7.01
C THR C 76 24.48 -17.52 -6.93
N LYS C 77 24.48 -18.78 -6.48
CA LYS C 77 25.71 -19.56 -6.42
C LYS C 77 25.97 -20.35 -7.69
N ASN C 78 25.03 -20.35 -8.63
CA ASN C 78 25.14 -21.10 -9.88
C ASN C 78 25.24 -20.14 -11.06
N ILE C 79 25.64 -20.70 -12.20
CA ILE C 79 25.63 -19.95 -13.45
C ILE C 79 24.20 -19.64 -13.84
N VAL C 80 23.96 -18.42 -14.27
CA VAL C 80 22.64 -17.98 -14.72
C VAL C 80 22.71 -17.73 -16.22
N ALA C 81 21.93 -18.49 -16.99
CA ALA C 81 21.78 -18.22 -18.40
C ALA C 81 20.76 -17.12 -18.62
N PHE C 82 21.07 -16.19 -19.53
CA PHE C 82 20.18 -15.08 -19.80
C PHE C 82 20.01 -14.90 -21.31
N LYS C 83 18.81 -14.46 -21.68
CA LYS C 83 18.49 -14.09 -23.05
C LYS C 83 17.80 -12.74 -23.04
N VAL C 84 18.04 -11.96 -24.09
CA VAL C 84 17.49 -10.62 -24.23
C VAL C 84 16.54 -10.60 -25.40
N ARG C 85 15.32 -10.12 -25.17
CA ARG C 85 14.32 -9.99 -26.21
C ARG C 85 13.80 -8.56 -26.24
N THR C 86 13.23 -8.18 -27.38
CA THR C 86 12.82 -6.80 -27.59
C THR C 86 11.59 -6.77 -28.48
N THR C 87 10.82 -5.69 -28.35
CA THR C 87 9.66 -5.46 -29.20
C THR C 87 10.03 -4.90 -30.57
N ALA C 88 11.29 -4.55 -30.78
CA ALA C 88 11.76 -4.01 -32.06
C ALA C 88 13.09 -4.65 -32.41
N PRO C 89 13.09 -5.94 -32.76
CA PRO C 89 14.35 -6.62 -33.09
C PRO C 89 15.01 -6.07 -34.34
N GLU C 90 14.26 -5.43 -35.24
CA GLU C 90 14.82 -4.85 -36.44
C GLU C 90 15.50 -3.52 -36.19
N LYS C 91 15.26 -2.89 -35.04
CA LYS C 91 15.78 -1.56 -34.76
C LYS C 91 17.06 -1.56 -33.94
N TYR C 92 17.29 -2.55 -33.10
CA TYR C 92 18.33 -2.49 -32.09
C TYR C 92 19.41 -3.55 -32.29
N ARG C 93 20.63 -3.17 -31.94
CA ARG C 93 21.76 -4.08 -31.90
CA ARG C 93 21.77 -4.07 -31.91
C ARG C 93 22.07 -4.40 -30.45
N VAL C 94 21.93 -5.67 -30.08
CA VAL C 94 22.05 -6.11 -28.69
C VAL C 94 23.16 -7.14 -28.58
N LYS C 95 24.11 -6.90 -27.67
CA LYS C 95 25.23 -7.79 -27.47
C LYS C 95 25.73 -7.73 -26.02
N PRO C 96 25.79 -8.86 -25.31
CA PRO C 96 25.28 -10.15 -25.79
C PRO C 96 23.78 -10.25 -25.60
N SER C 97 23.14 -11.15 -26.35
CA SER C 97 21.70 -11.34 -26.28
C SER C 97 21.29 -12.75 -25.90
N ASN C 98 22.23 -13.70 -25.85
CA ASN C 98 21.92 -15.08 -25.55
C ASN C 98 23.15 -15.77 -24.96
N SER C 99 23.44 -15.50 -23.69
CA SER C 99 24.65 -15.99 -23.06
C SER C 99 24.41 -16.43 -21.63
N SER C 100 25.45 -16.39 -20.79
CA SER C 100 25.34 -16.76 -19.39
C SER C 100 26.22 -15.84 -18.56
N CYS C 101 26.00 -15.87 -17.25
CA CYS C 101 26.74 -15.03 -16.30
C CYS C 101 27.20 -15.89 -15.13
N ASP C 102 28.47 -15.77 -14.78
CA ASP C 102 29.02 -16.55 -13.69
C ASP C 102 28.50 -16.01 -12.35
N PRO C 103 28.44 -16.86 -11.32
CA PRO C 103 27.99 -16.39 -10.00
C PRO C 103 28.89 -15.29 -9.47
N GLY C 104 28.26 -14.22 -8.97
CA GLY C 104 28.97 -13.06 -8.49
C GLY C 104 29.45 -12.10 -9.56
N ALA C 105 29.50 -12.54 -10.82
CA ALA C 105 30.00 -11.69 -11.89
C ALA C 105 28.89 -10.80 -12.45
N SER C 106 29.31 -9.79 -13.21
CA SER C 106 28.41 -8.89 -13.90
C SER C 106 28.68 -8.94 -15.39
N VAL C 107 27.67 -8.59 -16.17
CA VAL C 107 27.75 -8.57 -17.64
C VAL C 107 27.12 -7.29 -18.14
N ASP C 108 27.83 -6.58 -19.01
CA ASP C 108 27.31 -5.38 -19.65
C ASP C 108 26.67 -5.77 -20.98
N ILE C 109 25.37 -5.48 -21.11
CA ILE C 109 24.65 -5.68 -22.36
C ILE C 109 24.63 -4.35 -23.09
N VAL C 110 25.24 -4.32 -24.27
CA VAL C 110 25.33 -3.11 -25.07
C VAL C 110 24.16 -3.08 -26.05
N VAL C 111 23.37 -2.00 -26.00
CA VAL C 111 22.20 -1.83 -26.84
C VAL C 111 22.35 -0.55 -27.64
N SER C 112 22.22 -0.65 -28.96
CA SER C 112 22.37 0.49 -29.84
C SER C 112 21.37 0.40 -30.98
N PRO C 113 20.61 1.46 -31.24
CA PRO C 113 19.79 1.47 -32.45
C PRO C 113 20.69 1.57 -33.68
N HIS C 114 20.24 0.97 -34.77
CA HIS C 114 20.98 1.09 -36.01
C HIS C 114 21.02 2.55 -36.46
N GLY C 115 22.03 2.87 -37.26
CA GLY C 115 22.17 4.23 -37.74
C GLY C 115 20.94 4.69 -38.49
N GLY C 116 20.52 5.92 -38.21
CA GLY C 116 19.35 6.50 -38.84
C GLY C 116 18.03 6.15 -38.20
N LEU C 117 17.99 5.15 -37.32
CA LEU C 117 16.75 4.78 -36.65
C LEU C 117 16.59 5.56 -35.34
N THR C 118 15.34 5.69 -34.92
CA THR C 118 14.99 6.54 -33.79
C THR C 118 14.46 5.70 -32.63
N VAL C 119 15.04 5.92 -31.45
CA VAL C 119 14.56 5.25 -30.24
C VAL C 119 13.16 5.75 -29.91
N SER C 120 12.28 4.83 -29.54
CA SER C 120 10.90 5.14 -29.22
C SER C 120 10.62 4.81 -27.76
N ALA C 121 9.76 5.63 -27.13
CA ALA C 121 9.32 5.38 -25.77
C ALA C 121 8.48 4.11 -25.65
N GLN C 122 8.06 3.53 -26.76
CA GLN C 122 7.27 2.31 -26.77
C GLN C 122 8.12 1.06 -27.02
N ASP C 123 9.41 1.23 -27.30
CA ASP C 123 10.32 0.09 -27.40
C ASP C 123 10.60 -0.46 -26.01
N ARG C 124 10.55 -1.78 -25.88
CA ARG C 124 10.74 -2.44 -24.60
C ARG C 124 11.65 -3.65 -24.77
N PHE C 125 12.38 -3.98 -23.70
CA PHE C 125 13.29 -5.10 -23.67
C PHE C 125 12.89 -6.06 -22.56
N LEU C 126 13.16 -7.35 -22.78
CA LEU C 126 12.81 -8.39 -21.82
C LEU C 126 14.05 -9.20 -21.49
N ILE C 127 14.35 -9.35 -20.20
CA ILE C 127 15.46 -10.15 -19.73
C ILE C 127 14.90 -11.46 -19.18
N MET C 128 15.31 -12.57 -19.76
CA MET C 128 14.94 -13.91 -19.28
C MET C 128 16.16 -14.54 -18.62
N ALA C 129 15.98 -15.07 -17.42
CA ALA C 129 17.09 -15.65 -16.67
C ALA C 129 16.64 -16.93 -15.99
N ALA C 130 17.54 -17.92 -15.95
CA ALA C 130 17.27 -19.19 -15.29
C ALA C 130 18.60 -19.80 -14.85
N GLU C 131 18.59 -20.43 -13.67
CA GLU C 131 19.80 -21.04 -13.15
C GLU C 131 20.12 -22.34 -13.89
N MET C 132 21.39 -22.54 -14.17
CA MET C 132 21.87 -23.80 -14.72
C MET C 132 22.44 -24.65 -13.58
N GLU C 133 22.42 -25.97 -13.78
CA GLU C 133 22.99 -26.87 -12.79
C GLU C 133 24.50 -26.66 -12.70
N GLN C 134 25.05 -27.06 -11.56
CA GLN C 134 26.48 -26.87 -11.33
C GLN C 134 27.30 -27.62 -12.38
N SER C 135 28.36 -26.97 -12.85
CA SER C 135 29.22 -27.50 -13.90
C SER C 135 28.41 -27.80 -15.17
N SER C 136 28.02 -26.72 -15.85
CA SER C 136 27.23 -26.79 -17.07
C SER C 136 27.99 -26.10 -18.19
N GLY C 137 28.04 -26.74 -19.36
CA GLY C 137 28.59 -26.08 -20.53
C GLY C 137 27.71 -24.91 -20.95
N THR C 138 28.36 -23.80 -21.28
CA THR C 138 27.66 -22.57 -21.65
C THR C 138 27.85 -22.22 -23.13
N GLY C 139 28.11 -23.22 -23.96
CA GLY C 139 28.23 -23.01 -25.38
C GLY C 139 26.89 -22.73 -26.02
N PRO C 140 26.90 -22.24 -27.27
CA PRO C 140 25.63 -21.92 -27.94
C PRO C 140 24.68 -23.10 -28.04
N ALA C 141 25.20 -24.29 -28.35
CA ALA C 141 24.33 -25.46 -28.45
C ALA C 141 23.85 -25.91 -27.08
N GLU C 142 24.70 -25.79 -26.06
CA GLU C 142 24.29 -26.18 -24.71
C GLU C 142 23.20 -25.26 -24.17
N LEU C 143 23.31 -23.96 -24.44
CA LEU C 143 22.29 -23.03 -23.97
C LEU C 143 20.96 -23.25 -24.67
N THR C 144 21.00 -23.55 -25.97
CA THR C 144 19.78 -23.86 -26.69
C THR C 144 19.07 -25.07 -26.09
N GLN C 145 19.85 -26.08 -25.70
CA GLN C 145 19.26 -27.26 -25.08
CA GLN C 145 19.26 -27.26 -25.07
C GLN C 145 18.70 -26.93 -23.70
N PHE C 146 19.42 -26.11 -22.93
CA PHE C 146 18.96 -25.76 -21.58
C PHE C 146 17.62 -25.05 -21.62
N TRP C 147 17.46 -24.07 -22.52
CA TRP C 147 16.21 -23.33 -22.61
C TRP C 147 15.05 -24.20 -23.07
N LYS C 148 15.33 -25.33 -23.71
CA LYS C 148 14.26 -26.24 -24.12
C LYS C 148 13.79 -27.14 -22.98
N GLU C 149 14.62 -27.36 -21.96
CA GLU C 149 14.31 -28.28 -20.89
CA GLU C 149 14.30 -28.28 -20.89
C GLU C 149 14.01 -27.61 -19.55
N VAL C 150 14.24 -26.30 -19.44
CA VAL C 150 14.04 -25.63 -18.15
C VAL C 150 12.54 -25.38 -17.94
N PRO C 151 11.98 -25.78 -16.80
CA PRO C 151 10.58 -25.45 -16.52
C PRO C 151 10.38 -23.94 -16.48
N ARG C 152 9.27 -23.50 -17.07
CA ARG C 152 9.03 -22.07 -17.22
C ARG C 152 8.70 -21.37 -15.90
N ASN C 153 8.44 -22.13 -14.83
CA ASN C 153 8.30 -21.53 -13.51
C ASN C 153 9.66 -21.24 -12.87
N LYS C 154 10.76 -21.73 -13.47
CA LYS C 154 12.10 -21.41 -13.01
C LYS C 154 12.78 -20.37 -13.86
N VAL C 155 12.07 -19.78 -14.83
CA VAL C 155 12.60 -18.72 -15.67
C VAL C 155 12.07 -17.40 -15.17
N MET C 156 12.96 -16.52 -14.72
CA MET C 156 12.57 -15.20 -14.26
C MET C 156 12.64 -14.21 -15.42
N GLU C 157 11.73 -13.24 -15.40
CA GLU C 157 11.63 -12.24 -16.46
C GLU C 157 11.51 -10.85 -15.86
N HIS C 158 12.19 -9.89 -16.47
CA HIS C 158 12.08 -8.48 -16.09
C HIS C 158 12.08 -7.63 -17.35
N ARG C 159 11.14 -6.70 -17.44
CA ARG C 159 10.98 -5.84 -18.60
C ARG C 159 11.58 -4.46 -18.35
N LEU C 160 12.10 -3.87 -19.42
CA LEU C 160 12.64 -2.51 -19.38
C LEU C 160 12.01 -1.72 -20.51
N ARG C 161 11.96 -0.40 -20.33
CA ARG C 161 11.36 0.50 -21.30
C ARG C 161 12.37 1.56 -21.73
N CYS C 162 12.45 1.78 -23.04
CA CYS C 162 13.34 2.81 -23.57
C CYS C 162 12.75 4.19 -23.34
N HIS C 163 13.61 5.15 -23.03
CA HIS C 163 13.23 6.55 -22.97
C HIS C 163 13.74 7.25 -24.23
N THR C 164 12.96 8.23 -24.69
CA THR C 164 13.31 8.94 -25.91
C THR C 164 14.65 9.65 -25.75
N VAL C 165 15.44 9.68 -26.83
CA VAL C 165 16.78 10.24 -26.78
C VAL C 165 16.71 11.73 -26.49
N GLU C 166 17.54 12.18 -25.55
CA GLU C 166 17.57 13.59 -25.17
C GLU C 166 18.74 14.31 -25.83
N LEU D 40 -11.23 8.20 -10.88
CA LEU D 40 -11.84 7.61 -9.69
C LEU D 40 -13.01 8.44 -9.18
N SER D 41 -14.21 8.05 -9.59
CA SER D 41 -15.43 8.74 -9.14
C SER D 41 -15.70 8.38 -7.68
N VAL D 42 -15.56 9.35 -6.78
CA VAL D 42 -15.77 9.12 -5.37
C VAL D 42 -16.11 10.43 -4.67
N PHE D 43 -17.18 10.43 -3.89
CA PHE D 43 -17.52 11.55 -3.02
C PHE D 43 -16.88 11.34 -1.65
N LYS D 44 -16.22 12.36 -1.13
CA LYS D 44 -15.51 12.28 0.14
C LYS D 44 -16.17 13.18 1.17
N GLY D 45 -16.68 12.58 2.24
CA GLY D 45 -17.25 13.32 3.33
C GLY D 45 -16.53 13.02 4.63
N PRO D 46 -16.97 13.66 5.72
CA PRO D 46 -16.29 13.43 7.01
C PRO D 46 -16.54 12.05 7.59
N LEU D 47 -17.61 11.37 7.17
CA LEU D 47 -17.91 10.03 7.66
C LEU D 47 -17.64 8.95 6.63
N LEU D 48 -18.11 9.13 5.40
CA LEU D 48 -18.04 8.08 4.40
C LEU D 48 -17.40 8.60 3.11
N HIS D 49 -16.71 7.70 2.42
CA HIS D 49 -16.33 7.88 1.03
C HIS D 49 -17.29 7.04 0.18
N ILE D 50 -18.06 7.70 -0.68
CA ILE D 50 -19.13 7.06 -1.43
C ILE D 50 -18.70 6.98 -2.90
N SER D 51 -18.82 5.78 -3.47
CA SER D 51 -18.51 5.54 -4.87
C SER D 51 -19.69 4.86 -5.53
N PRO D 52 -20.19 5.37 -6.66
CA PRO D 52 -19.67 6.55 -7.39
C PRO D 52 -20.03 7.87 -6.71
N ALA D 53 -19.56 8.97 -7.29
CA ALA D 53 -19.74 10.28 -6.65
C ALA D 53 -21.18 10.78 -6.80
N GLU D 54 -21.73 10.71 -8.00
CA GLU D 54 -23.06 11.26 -8.25
C GLU D 54 -23.89 10.36 -9.15
N GLU D 55 -23.34 9.95 -10.29
CA GLU D 55 -24.09 9.23 -11.31
C GLU D 55 -24.04 7.73 -11.09
N LEU D 56 -25.20 7.09 -11.12
CA LEU D 56 -25.31 5.64 -11.02
C LEU D 56 -25.59 5.07 -12.41
N TYR D 57 -24.74 4.15 -12.86
CA TYR D 57 -24.89 3.50 -14.15
C TYR D 57 -25.15 2.01 -13.95
N PHE D 58 -26.13 1.50 -14.69
CA PHE D 58 -26.55 0.11 -14.57
C PHE D 58 -25.95 -0.73 -15.70
N GLY D 59 -25.47 -1.92 -15.35
CA GLY D 59 -24.99 -2.87 -16.31
C GLY D 59 -25.82 -4.14 -16.31
N SER D 60 -25.47 -5.05 -17.21
CA SER D 60 -26.17 -6.32 -17.37
C SER D 60 -25.32 -7.45 -16.84
N THR D 61 -25.90 -8.25 -15.95
CA THR D 61 -25.20 -9.41 -15.42
C THR D 61 -25.27 -10.57 -16.41
N GLU D 62 -24.48 -11.61 -16.13
CA GLU D 62 -24.55 -12.82 -16.94
C GLU D 62 -25.92 -13.49 -16.82
N SER D 63 -26.61 -13.26 -15.71
CA SER D 63 -27.99 -13.75 -15.58
C SER D 63 -28.93 -13.02 -16.52
N GLY D 64 -28.65 -11.75 -16.82
CA GLY D 64 -29.48 -10.94 -17.70
C GLY D 64 -30.15 -9.77 -17.02
N GLU D 65 -30.03 -9.64 -15.70
CA GLU D 65 -30.70 -8.58 -14.96
C GLU D 65 -29.78 -7.38 -14.79
N LYS D 66 -30.39 -6.21 -14.63
CA LYS D 66 -29.66 -4.97 -14.50
C LYS D 66 -29.16 -4.79 -13.07
N LYS D 67 -28.02 -4.13 -12.92
CA LYS D 67 -27.38 -4.02 -11.62
C LYS D 67 -26.40 -2.85 -11.61
N THR D 68 -26.40 -2.11 -10.50
CA THR D 68 -25.42 -1.06 -10.25
C THR D 68 -24.88 -1.21 -8.84
N LEU D 69 -23.86 -0.43 -8.51
CA LEU D 69 -23.16 -0.55 -7.24
C LEU D 69 -23.10 0.79 -6.53
N ILE D 70 -23.20 0.73 -5.20
CA ILE D 70 -22.91 1.86 -4.32
C ILE D 70 -21.93 1.35 -3.28
N VAL D 71 -20.70 1.84 -3.33
CA VAL D 71 -19.64 1.41 -2.42
C VAL D 71 -19.44 2.48 -1.37
N LEU D 72 -19.62 2.13 -0.10
CA LEU D 72 -19.41 3.03 1.02
C LEU D 72 -18.14 2.61 1.76
N THR D 73 -17.37 3.61 2.21
CA THR D 73 -16.14 3.36 2.95
C THR D 73 -16.13 4.20 4.20
N ASN D 74 -16.05 3.55 5.36
CA ASN D 74 -15.96 4.24 6.64
C ASN D 74 -14.55 4.78 6.82
N VAL D 75 -14.43 6.10 6.93
CA VAL D 75 -13.14 6.76 7.13
C VAL D 75 -13.02 7.33 8.54
N THR D 76 -13.89 6.90 9.46
CA THR D 76 -13.81 7.31 10.85
C THR D 76 -13.20 6.20 11.68
N LYS D 77 -13.17 6.40 12.99
CA LYS D 77 -12.61 5.42 13.91
C LYS D 77 -13.67 4.60 14.64
N ASN D 78 -14.96 4.95 14.48
CA ASN D 78 -16.05 4.21 15.07
C ASN D 78 -16.89 3.56 13.97
N ILE D 79 -17.87 2.77 14.41
CA ILE D 79 -18.81 2.17 13.47
C ILE D 79 -19.77 3.26 12.98
N VAL D 80 -19.98 3.31 11.67
CA VAL D 80 -20.89 4.26 11.05
C VAL D 80 -22.11 3.49 10.57
N ALA D 81 -23.25 3.75 11.19
CA ALA D 81 -24.51 3.17 10.75
C ALA D 81 -25.04 3.93 9.54
N PHE D 82 -25.49 3.19 8.53
CA PHE D 82 -25.97 3.79 7.31
C PHE D 82 -27.34 3.24 6.94
N LYS D 83 -28.14 4.07 6.29
CA LYS D 83 -29.43 3.68 5.74
C LYS D 83 -29.54 4.22 4.32
N VAL D 84 -30.25 3.48 3.47
CA VAL D 84 -30.39 3.82 2.06
C VAL D 84 -31.86 4.12 1.79
N ARG D 85 -32.13 5.29 1.21
CA ARG D 85 -33.47 5.70 0.83
CA ARG D 85 -33.47 5.70 0.83
C ARG D 85 -33.51 6.03 -0.65
N THR D 86 -34.70 5.89 -1.24
CA THR D 86 -34.86 6.12 -2.68
C THR D 86 -36.22 6.76 -2.95
N THR D 87 -36.30 7.43 -4.09
CA THR D 87 -37.54 8.05 -4.54
C THR D 87 -38.48 7.07 -5.23
N ALA D 88 -38.01 5.86 -5.54
CA ALA D 88 -38.82 4.83 -6.18
C ALA D 88 -38.57 3.51 -5.48
N PRO D 89 -39.12 3.34 -4.27
CA PRO D 89 -38.91 2.08 -3.54
C PRO D 89 -39.61 0.89 -4.16
N GLU D 90 -40.59 1.12 -5.03
CA GLU D 90 -41.28 0.03 -5.71
C GLU D 90 -40.57 -0.44 -6.97
N LYS D 91 -39.49 0.21 -7.36
CA LYS D 91 -38.79 -0.12 -8.60
C LYS D 91 -37.47 -0.84 -8.39
N TYR D 92 -36.80 -0.60 -7.27
CA TYR D 92 -35.44 -1.08 -7.05
C TYR D 92 -35.37 -2.00 -5.84
N ARG D 93 -34.55 -3.05 -5.97
CA ARG D 93 -34.15 -3.89 -4.84
C ARG D 93 -32.79 -3.41 -4.34
N VAL D 94 -32.71 -3.11 -3.04
CA VAL D 94 -31.51 -2.53 -2.44
C VAL D 94 -31.05 -3.46 -1.32
N LYS D 95 -29.76 -3.80 -1.33
CA LYS D 95 -29.23 -4.77 -0.37
C LYS D 95 -27.74 -4.55 -0.16
N PRO D 96 -27.30 -4.17 1.04
CA PRO D 96 -28.18 -3.86 2.17
C PRO D 96 -28.70 -2.43 2.12
N SER D 97 -29.74 -2.15 2.90
CA SER D 97 -30.33 -0.82 2.97
C SER D 97 -30.40 -0.25 4.37
N ASN D 98 -30.15 -1.05 5.40
CA ASN D 98 -30.25 -0.61 6.79
C ASN D 98 -29.28 -1.47 7.60
N SER D 99 -28.03 -1.00 7.69
CA SER D 99 -27.00 -1.78 8.36
C SER D 99 -25.91 -0.86 8.93
N SER D 100 -24.69 -1.40 9.08
CA SER D 100 -23.58 -0.66 9.65
C SER D 100 -22.32 -0.96 8.85
N CYS D 101 -21.24 -0.26 9.19
CA CYS D 101 -19.96 -0.42 8.51
C CYS D 101 -18.84 -0.17 9.50
N ASP D 102 -17.99 -1.18 9.70
CA ASP D 102 -16.90 -1.05 10.65
C ASP D 102 -15.88 -0.02 10.17
N PRO D 103 -15.14 0.60 11.10
CA PRO D 103 -14.18 1.63 10.69
C PRO D 103 -13.10 1.07 9.76
N GLY D 104 -12.87 1.80 8.67
CA GLY D 104 -11.92 1.38 7.66
C GLY D 104 -12.46 0.39 6.65
N ALA D 105 -13.64 -0.18 6.87
CA ALA D 105 -14.18 -1.21 6.01
C ALA D 105 -15.03 -0.59 4.89
N SER D 106 -15.31 -1.41 3.89
CA SER D 106 -16.18 -1.03 2.78
C SER D 106 -17.34 -2.01 2.66
N VAL D 107 -18.48 -1.49 2.20
CA VAL D 107 -19.67 -2.30 2.01
C VAL D 107 -20.21 -2.04 0.60
N ASP D 108 -20.56 -3.10 -0.11
CA ASP D 108 -21.14 -3.01 -1.44
C ASP D 108 -22.66 -3.07 -1.33
N ILE D 109 -23.32 -2.01 -1.75
CA ILE D 109 -24.78 -1.96 -1.82
C ILE D 109 -25.18 -2.28 -3.25
N VAL D 110 -25.83 -3.43 -3.43
CA VAL D 110 -26.27 -3.87 -4.75
C VAL D 110 -27.65 -3.30 -5.00
N VAL D 111 -27.79 -2.54 -6.09
CA VAL D 111 -29.05 -1.92 -6.48
C VAL D 111 -29.42 -2.47 -7.85
N SER D 112 -30.62 -3.07 -7.94
CA SER D 112 -31.08 -3.68 -9.17
C SER D 112 -32.56 -3.37 -9.36
N PRO D 113 -32.96 -2.88 -10.53
CA PRO D 113 -34.39 -2.66 -10.78
C PRO D 113 -35.08 -3.98 -11.04
N HIS D 114 -36.39 -4.00 -10.75
CA HIS D 114 -37.18 -5.18 -11.08
C HIS D 114 -37.25 -5.32 -12.60
N GLY D 115 -37.25 -6.57 -13.06
CA GLY D 115 -37.25 -6.85 -14.49
C GLY D 115 -38.39 -6.20 -15.24
N GLY D 116 -38.07 -5.50 -16.33
CA GLY D 116 -39.06 -4.84 -17.14
C GLY D 116 -39.29 -3.38 -16.78
N LEU D 117 -38.90 -2.95 -15.59
CA LEU D 117 -39.08 -1.56 -15.19
C LEU D 117 -37.94 -0.71 -15.74
N THR D 118 -38.30 0.47 -16.24
CA THR D 118 -37.35 1.36 -16.90
C THR D 118 -36.64 2.23 -15.88
N VAL D 119 -35.31 2.23 -15.93
CA VAL D 119 -34.52 3.13 -15.09
C VAL D 119 -34.75 4.56 -15.56
N SER D 120 -35.04 5.45 -14.62
CA SER D 120 -35.37 6.84 -14.93
C SER D 120 -34.30 7.77 -14.38
N ALA D 121 -34.01 8.84 -15.14
CA ALA D 121 -33.10 9.87 -14.66
C ALA D 121 -33.64 10.64 -13.47
N GLN D 122 -34.93 10.49 -13.17
CA GLN D 122 -35.53 11.10 -11.99
C GLN D 122 -35.38 10.25 -10.74
N ASP D 123 -34.98 8.98 -10.88
CA ASP D 123 -34.79 8.12 -9.73
C ASP D 123 -33.57 8.56 -8.94
N ARG D 124 -33.78 8.93 -7.69
N ARG D 124 -33.77 8.90 -7.68
CA ARG D 124 -32.69 9.36 -6.81
CA ARG D 124 -32.71 9.37 -6.80
C ARG D 124 -32.52 8.36 -5.66
C ARG D 124 -32.54 8.43 -5.61
N PHE D 125 -31.31 8.34 -5.11
CA PHE D 125 -31.00 7.52 -3.95
C PHE D 125 -30.36 8.40 -2.88
N LEU D 126 -30.63 8.06 -1.63
CA LEU D 126 -30.16 8.85 -0.49
C LEU D 126 -29.39 7.94 0.46
N ILE D 127 -28.17 8.36 0.81
CA ILE D 127 -27.36 7.67 1.80
C ILE D 127 -27.36 8.52 3.06
N MET D 128 -27.85 7.95 4.16
CA MET D 128 -27.84 8.59 5.46
C MET D 128 -26.87 7.83 6.37
N ALA D 129 -25.93 8.56 6.97
CA ALA D 129 -24.89 7.93 7.77
C ALA D 129 -24.68 8.73 9.05
N ALA D 130 -24.40 8.01 10.14
CA ALA D 130 -24.14 8.63 11.43
C ALA D 130 -23.14 7.76 12.19
N GLU D 131 -22.31 8.41 13.00
CA GLU D 131 -21.30 7.70 13.77
C GLU D 131 -21.92 7.12 15.04
N MET D 132 -21.67 5.85 15.29
CA MET D 132 -22.13 5.19 16.50
C MET D 132 -21.08 5.28 17.60
N GLU D 133 -21.49 4.92 18.81
CA GLU D 133 -20.55 4.84 19.92
C GLU D 133 -19.78 3.52 19.88
N GLN D 134 -18.62 3.52 20.51
CA GLN D 134 -17.79 2.32 20.52
C GLN D 134 -18.42 1.24 21.39
N SER D 135 -18.29 -0.01 20.95
CA SER D 135 -18.91 -1.16 21.63
C SER D 135 -20.42 -1.01 21.69
N SER D 136 -21.02 -0.73 20.53
CA SER D 136 -22.47 -0.63 20.40
C SER D 136 -22.99 -1.79 19.56
N GLY D 137 -24.22 -2.20 19.85
CA GLY D 137 -24.82 -3.30 19.12
C GLY D 137 -25.17 -2.89 17.70
N THR D 138 -25.00 -3.82 16.77
CA THR D 138 -25.30 -3.59 15.36
C THR D 138 -26.53 -4.36 14.89
N GLY D 139 -27.25 -5.01 15.80
CA GLY D 139 -28.43 -5.76 15.44
C GLY D 139 -29.56 -4.88 14.96
N PRO D 140 -30.58 -5.48 14.35
CA PRO D 140 -31.70 -4.67 13.84
C PRO D 140 -32.43 -3.88 14.92
N ALA D 141 -32.60 -4.47 16.11
CA ALA D 141 -33.25 -3.75 17.19
C ALA D 141 -32.38 -2.59 17.68
N GLU D 142 -31.07 -2.82 17.81
CA GLU D 142 -30.17 -1.76 18.26
C GLU D 142 -30.08 -0.63 17.24
N LEU D 143 -29.97 -0.97 15.95
CA LEU D 143 -29.93 0.06 14.92
C LEU D 143 -31.22 0.86 14.88
N THR D 144 -32.36 0.19 15.09
CA THR D 144 -33.64 0.89 15.17
C THR D 144 -33.64 1.86 16.35
N GLN D 145 -33.18 1.41 17.52
CA GLN D 145 -33.13 2.27 18.69
C GLN D 145 -32.10 3.38 18.50
N PHE D 146 -30.99 3.08 17.83
CA PHE D 146 -29.97 4.10 17.60
C PHE D 146 -30.52 5.25 16.75
N TRP D 147 -31.17 4.93 15.63
CA TRP D 147 -31.70 5.97 14.76
C TRP D 147 -32.79 6.78 15.44
N LYS D 148 -33.51 6.18 16.39
CA LYS D 148 -34.46 6.95 17.19
C LYS D 148 -33.74 7.88 18.16
N GLU D 149 -32.59 7.45 18.68
CA GLU D 149 -31.88 8.21 19.71
C GLU D 149 -30.90 9.22 19.13
N VAL D 150 -30.33 8.94 17.96
CA VAL D 150 -29.28 9.82 17.42
C VAL D 150 -29.89 11.16 17.04
N PRO D 151 -29.25 12.29 17.36
CA PRO D 151 -29.81 13.58 16.99
C PRO D 151 -29.67 13.87 15.50
N ARG D 152 -30.51 14.78 15.02
CA ARG D 152 -30.54 15.16 13.62
C ARG D 152 -29.28 15.91 13.21
N ASN D 153 -28.57 16.53 14.15
CA ASN D 153 -27.41 17.35 13.83
C ASN D 153 -26.23 16.54 13.31
N LYS D 154 -26.20 15.24 13.60
CA LYS D 154 -25.04 14.40 13.29
C LYS D 154 -25.19 13.58 12.01
N VAL D 155 -26.38 13.52 11.44
CA VAL D 155 -26.64 12.66 10.29
C VAL D 155 -26.08 13.31 9.03
N MET D 156 -25.20 12.61 8.34
CA MET D 156 -24.65 13.06 7.07
C MET D 156 -25.44 12.42 5.92
N GLU D 157 -25.75 13.21 4.90
CA GLU D 157 -26.56 12.76 3.78
C GLU D 157 -25.87 13.09 2.46
N HIS D 158 -25.94 12.15 1.53
CA HIS D 158 -25.43 12.33 0.18
C HIS D 158 -26.39 11.68 -0.80
N ARG D 159 -26.64 12.35 -1.92
CA ARG D 159 -27.64 11.91 -2.88
C ARG D 159 -26.97 11.45 -4.16
N LEU D 160 -27.48 10.35 -4.72
CA LEU D 160 -27.05 9.84 -6.02
C LEU D 160 -28.25 9.82 -6.95
N ARG D 161 -27.98 9.96 -8.25
CA ARG D 161 -29.01 9.97 -9.27
CA ARG D 161 -29.03 9.94 -9.25
C ARG D 161 -28.73 8.89 -10.31
N CYS D 162 -29.78 8.16 -10.69
CA CYS D 162 -29.65 7.11 -11.68
C CYS D 162 -29.53 7.70 -13.08
N HIS D 163 -28.77 7.01 -13.92
CA HIS D 163 -28.68 7.32 -15.34
C HIS D 163 -29.41 6.25 -16.13
N THR D 164 -30.06 6.65 -17.21
CA THR D 164 -30.81 5.69 -18.02
C THR D 164 -29.86 4.75 -18.73
N VAL D 165 -30.38 3.57 -19.07
CA VAL D 165 -29.63 2.60 -19.86
C VAL D 165 -29.80 2.95 -21.34
N GLU D 166 -28.69 3.28 -21.99
CA GLU D 166 -28.75 3.68 -23.40
C GLU D 166 -29.06 2.49 -24.29
N SER D 167 -29.98 2.68 -25.22
CA SER D 167 -30.52 1.61 -26.04
C SER D 167 -29.54 1.23 -27.15
N SER D 168 -29.75 0.03 -27.70
CA SER D 168 -28.96 -0.48 -28.81
C SER D 168 -29.70 -1.63 -29.49
N PRO E 39 -6.06 3.74 24.88
CA PRO E 39 -5.08 3.75 25.98
C PRO E 39 -3.84 4.56 25.64
N LEU E 40 -2.98 4.76 26.63
CA LEU E 40 -1.75 5.53 26.44
C LEU E 40 -0.64 4.63 25.90
N SER E 41 0.14 5.17 24.98
CA SER E 41 1.32 4.46 24.46
C SER E 41 2.43 4.60 25.49
N VAL E 42 2.66 3.54 26.26
CA VAL E 42 3.65 3.57 27.33
C VAL E 42 4.25 2.17 27.49
N PHE E 43 5.57 2.10 27.53
CA PHE E 43 6.27 0.89 27.92
C PHE E 43 6.40 0.88 29.43
N LYS E 44 6.22 -0.30 30.02
CA LYS E 44 6.30 -0.46 31.48
C LYS E 44 7.37 -1.49 31.80
N GLY E 45 8.41 -1.05 32.51
CA GLY E 45 9.46 -1.93 32.97
C GLY E 45 9.59 -1.86 34.48
N PRO E 46 10.50 -2.67 35.04
CA PRO E 46 10.65 -2.68 36.51
C PRO E 46 11.23 -1.40 37.08
N LEU E 47 11.86 -0.56 36.26
CA LEU E 47 12.44 0.70 36.73
C LEU E 47 11.72 1.94 36.20
N LEU E 48 11.39 1.97 34.91
CA LEU E 48 10.81 3.15 34.30
C LEU E 48 9.56 2.81 33.50
N HIS E 49 8.68 3.78 33.41
CA HIS E 49 7.65 3.81 32.37
C HIS E 49 8.07 4.83 31.32
N ILE E 50 7.96 4.45 30.05
CA ILE E 50 8.49 5.25 28.95
C ILE E 50 7.37 5.54 27.97
N SER E 51 7.12 6.83 27.71
CA SER E 51 6.16 7.27 26.73
C SER E 51 6.87 8.06 25.63
N PRO E 52 6.69 7.71 24.35
CA PRO E 52 5.83 6.61 23.88
C PRO E 52 6.46 5.24 24.08
N ALA E 53 5.71 4.18 23.78
CA ALA E 53 6.20 2.83 24.01
C ALA E 53 7.24 2.42 22.98
N GLU E 54 7.04 2.78 21.71
CA GLU E 54 7.93 2.31 20.65
C GLU E 54 8.27 3.39 19.63
N GLU E 55 7.24 4.04 19.07
CA GLU E 55 7.41 4.90 17.90
C GLU E 55 7.46 6.37 18.30
N LEU E 56 8.50 7.05 17.83
CA LEU E 56 8.66 8.49 18.04
C LEU E 56 8.17 9.23 16.79
N TYR E 57 7.22 10.13 16.97
CA TYR E 57 6.68 10.94 15.89
C TYR E 57 7.09 12.40 16.10
N PHE E 58 7.56 13.04 15.04
CA PHE E 58 8.07 14.41 15.11
C PHE E 58 7.01 15.38 14.61
N GLY E 59 6.80 16.46 15.36
CA GLY E 59 5.92 17.54 14.97
C GLY E 59 6.68 18.83 14.70
N SER E 60 5.91 19.85 14.33
CA SER E 60 6.45 21.16 14.01
C SER E 60 6.09 22.14 15.12
N THR E 61 7.08 22.93 15.55
CA THR E 61 6.88 23.87 16.64
C THR E 61 6.50 25.24 16.10
N GLU E 62 5.93 26.07 16.99
CA GLU E 62 5.63 27.44 16.63
C GLU E 62 6.89 28.23 16.32
N SER E 63 8.01 27.85 16.94
CA SER E 63 9.29 28.52 16.68
C SER E 63 9.86 28.15 15.32
N GLY E 64 9.40 27.06 14.72
CA GLY E 64 9.82 26.69 13.38
C GLY E 64 10.77 25.52 13.27
N GLU E 65 10.83 24.66 14.28
CA GLU E 65 11.70 23.49 14.27
C GLU E 65 10.88 22.23 14.49
N LYS E 66 11.49 21.10 14.16
CA LYS E 66 10.89 19.79 14.37
C LYS E 66 11.43 19.20 15.67
N LYS E 67 10.56 18.53 16.42
CA LYS E 67 10.98 17.86 17.66
C LYS E 67 9.96 16.81 18.05
N THR E 68 10.42 15.87 18.87
CA THR E 68 9.57 14.84 19.47
C THR E 68 9.86 14.79 20.95
N LEU E 69 9.08 13.98 21.68
CA LEU E 69 9.14 13.96 23.13
C LEU E 69 9.31 12.54 23.65
N ILE E 70 10.12 12.39 24.70
CA ILE E 70 10.26 11.14 25.44
C ILE E 70 10.04 11.46 26.91
N VAL E 71 9.10 10.76 27.55
CA VAL E 71 8.75 10.98 28.94
C VAL E 71 9.10 9.71 29.72
N LEU E 72 9.94 9.86 30.74
CA LEU E 72 10.32 8.78 31.63
C LEU E 72 9.67 8.99 32.99
N THR E 73 9.36 7.90 33.68
CA THR E 73 8.74 7.96 35.00
C THR E 73 9.39 6.92 35.89
N ASN E 74 9.96 7.37 37.01
CA ASN E 74 10.59 6.49 37.99
C ASN E 74 9.51 5.82 38.83
N VAL E 75 9.42 4.49 38.75
CA VAL E 75 8.43 3.74 39.51
C VAL E 75 9.08 2.91 40.62
N THR E 76 10.30 3.28 41.03
CA THR E 76 11.00 2.62 42.13
C THR E 76 11.04 3.54 43.33
N LYS E 77 11.62 3.04 44.43
CA LYS E 77 11.73 3.82 45.65
C LYS E 77 12.95 4.72 45.67
N ASN E 78 13.87 4.56 44.72
CA ASN E 78 15.13 5.28 44.71
C ASN E 78 15.29 6.09 43.43
N ILE E 79 16.30 6.96 43.42
CA ILE E 79 16.63 7.72 42.23
C ILE E 79 17.12 6.79 41.14
N VAL E 80 16.66 7.02 39.91
CA VAL E 80 17.06 6.23 38.75
C VAL E 80 17.92 7.12 37.85
N ALA E 81 19.15 6.68 37.60
CA ALA E 81 20.00 7.33 36.62
C ALA E 81 19.62 6.85 35.23
N PHE E 82 19.65 7.76 34.25
CA PHE E 82 19.29 7.40 32.89
C PHE E 82 20.17 8.12 31.90
N LYS E 83 20.48 7.45 30.79
CA LYS E 83 21.22 8.03 29.66
C LYS E 83 20.50 7.68 28.38
N VAL E 84 20.64 8.55 27.39
CA VAL E 84 19.98 8.40 26.10
C VAL E 84 21.05 8.19 25.04
N ARG E 85 20.96 7.08 24.30
CA ARG E 85 21.85 6.79 23.21
C ARG E 85 21.08 6.70 21.91
N THR E 86 21.78 6.91 20.79
CA THR E 86 21.13 6.94 19.49
C THR E 86 22.07 6.39 18.44
N THR E 87 21.47 5.91 17.33
CA THR E 87 22.26 5.40 16.22
C THR E 87 22.83 6.51 15.34
N ALA E 88 22.32 7.73 15.47
CA ALA E 88 22.79 8.88 14.69
C ALA E 88 23.00 10.06 15.63
N PRO E 89 24.12 10.09 16.35
CA PRO E 89 24.33 11.17 17.33
C PRO E 89 24.57 12.53 16.71
N GLU E 90 24.96 12.60 15.43
CA GLU E 90 25.18 13.87 14.76
C GLU E 90 23.95 14.36 14.02
N LYS E 91 22.79 13.73 14.23
CA LYS E 91 21.55 14.15 13.61
C LYS E 91 20.54 14.76 14.57
N TYR E 92 20.64 14.46 15.86
CA TYR E 92 19.63 14.87 16.83
C TYR E 92 20.27 15.58 18.02
N ARG E 93 19.48 16.45 18.64
CA ARG E 93 19.83 17.08 19.91
C ARG E 93 18.93 16.49 20.99
N VAL E 94 19.54 15.89 22.00
CA VAL E 94 18.80 15.20 23.06
C VAL E 94 19.07 15.92 24.37
N LYS E 95 18.02 16.47 24.97
CA LYS E 95 18.16 17.22 26.21
C LYS E 95 17.00 16.93 27.15
N PRO E 96 17.26 16.35 28.34
CA PRO E 96 18.60 15.92 28.74
C PRO E 96 18.94 14.52 28.21
N SER E 97 20.24 14.22 28.14
CA SER E 97 20.71 12.93 27.64
C SER E 97 21.49 12.13 28.68
N ASN E 98 21.80 12.71 29.84
CA ASN E 98 22.60 12.03 30.84
C ASN E 98 22.27 12.70 32.19
N SER E 99 21.31 12.13 32.91
CA SER E 99 20.82 12.78 34.11
C SER E 99 20.22 11.72 35.05
N SER E 100 19.25 12.15 35.88
CA SER E 100 18.61 11.26 36.83
C SER E 100 17.16 11.69 37.02
N CYS E 101 16.37 10.78 37.58
CA CYS E 101 14.94 11.02 37.83
C CYS E 101 14.61 10.57 39.24
N ASP E 102 14.06 11.48 40.04
CA ASP E 102 13.69 11.17 41.41
C ASP E 102 12.53 10.17 41.45
N PRO E 103 12.40 9.42 42.53
CA PRO E 103 11.33 8.42 42.61
C PRO E 103 9.95 9.06 42.52
N GLY E 104 9.09 8.45 41.70
CA GLY E 104 7.77 8.97 41.45
C GLY E 104 7.70 10.12 40.46
N ALA E 105 8.80 10.83 40.23
CA ALA E 105 8.80 11.98 39.36
C ALA E 105 8.91 11.55 37.89
N SER E 106 8.70 12.52 37.01
CA SER E 106 8.82 12.31 35.58
C SER E 106 9.73 13.37 34.97
N VAL E 107 10.41 13.01 33.89
CA VAL E 107 11.34 13.89 33.20
C VAL E 107 11.01 13.87 31.72
N ASP E 108 10.94 15.05 31.10
CA ASP E 108 10.68 15.18 29.68
C ASP E 108 11.99 15.32 28.92
N ILE E 109 12.17 14.47 27.91
CA ILE E 109 13.37 14.49 27.07
C ILE E 109 12.96 15.03 25.70
N VAL E 110 13.53 16.16 25.32
CA VAL E 110 13.25 16.80 24.04
C VAL E 110 14.26 16.29 23.02
N VAL E 111 13.77 15.70 21.94
CA VAL E 111 14.59 15.20 20.85
C VAL E 111 14.23 15.99 19.60
N SER E 112 15.17 16.81 19.12
CA SER E 112 14.96 17.63 17.95
C SER E 112 16.11 17.41 16.96
N PRO E 113 15.81 17.10 15.70
CA PRO E 113 16.89 16.95 14.72
C PRO E 113 17.52 18.29 14.38
N HIS E 114 18.79 18.25 14.02
CA HIS E 114 19.49 19.46 13.59
C HIS E 114 18.82 20.01 12.33
N GLY E 115 18.62 21.32 12.30
CA GLY E 115 17.97 21.99 11.19
C GLY E 115 18.57 21.63 9.85
N GLY E 116 17.77 21.03 8.98
CA GLY E 116 18.26 20.58 7.69
C GLY E 116 18.68 19.14 7.65
N LEU E 117 18.04 18.27 8.44
CA LEU E 117 18.31 16.84 8.42
C LEU E 117 17.00 16.09 8.52
N THR E 118 16.74 15.24 7.53
CA THR E 118 15.48 14.51 7.48
C THR E 118 15.51 13.32 8.42
N VAL E 119 14.47 13.18 9.24
CA VAL E 119 14.37 12.05 10.14
C VAL E 119 14.19 10.77 9.33
N SER E 120 15.01 9.76 9.61
CA SER E 120 14.97 8.49 8.91
C SER E 120 14.30 7.44 9.78
N ALA E 121 13.53 6.56 9.13
CA ALA E 121 12.90 5.45 9.84
C ALA E 121 13.91 4.46 10.38
N GLN E 122 15.16 4.53 9.94
CA GLN E 122 16.23 3.69 10.45
C GLN E 122 16.85 4.23 11.73
N ASP E 123 16.57 5.48 12.08
CA ASP E 123 17.13 6.05 13.30
C ASP E 123 16.48 5.45 14.53
N ARG E 124 17.29 5.16 15.54
CA ARG E 124 16.83 4.50 16.75
C ARG E 124 17.41 5.18 17.96
N PHE E 125 16.70 5.08 19.09
CA PHE E 125 17.15 5.65 20.36
C PHE E 125 17.12 4.58 21.43
N LEU E 126 18.02 4.72 22.41
CA LEU E 126 18.17 3.75 23.48
C LEU E 126 18.13 4.46 24.81
N ILE E 127 17.24 4.00 25.70
CA ILE E 127 17.16 4.49 27.07
C ILE E 127 17.84 3.47 27.97
N MET E 128 18.88 3.91 28.68
CA MET E 128 19.56 3.10 29.67
C MET E 128 19.17 3.60 31.06
N ALA E 129 18.88 2.68 31.97
CA ALA E 129 18.45 3.06 33.31
C ALA E 129 18.96 2.06 34.33
N ALA E 130 19.38 2.58 35.48
CA ALA E 130 19.80 1.76 36.61
C ALA E 130 19.46 2.49 37.89
N GLU E 131 19.14 1.72 38.92
CA GLU E 131 18.70 2.29 40.19
C GLU E 131 19.90 2.66 41.05
N MET E 132 19.86 3.86 41.62
CA MET E 132 20.90 4.32 42.53
C MET E 132 20.51 4.00 43.97
N GLU E 133 21.49 4.09 44.86
CA GLU E 133 21.22 3.89 46.27
C GLU E 133 20.65 5.17 46.90
N GLN E 134 20.07 5.03 48.08
CA GLN E 134 19.34 6.14 48.69
C GLN E 134 20.27 7.30 49.03
N SER E 135 21.53 7.01 49.37
CA SER E 135 22.50 8.06 49.69
C SER E 135 23.46 8.23 48.53
N SER E 136 22.93 8.79 47.45
CA SER E 136 23.66 8.97 46.20
C SER E 136 23.51 10.39 45.70
N GLY E 137 24.60 10.95 45.16
CA GLY E 137 24.56 12.25 44.54
C GLY E 137 24.25 12.15 43.06
N THR E 138 23.53 13.15 42.55
CA THR E 138 23.12 13.19 41.16
C THR E 138 23.96 14.16 40.32
N GLY E 139 25.14 14.52 40.80
CA GLY E 139 26.03 15.40 40.07
C GLY E 139 26.63 14.72 38.86
N PRO E 140 27.10 15.51 37.89
CA PRO E 140 27.67 14.92 36.66
C PRO E 140 28.85 13.99 36.94
N ALA E 141 29.70 14.34 37.90
CA ALA E 141 30.80 13.46 38.26
C ALA E 141 30.32 12.20 38.95
N GLU E 142 29.30 12.33 39.82
CA GLU E 142 28.76 11.16 40.51
C GLU E 142 28.07 10.22 39.54
N LEU E 143 27.33 10.77 38.58
CA LEU E 143 26.64 9.94 37.59
C LEU E 143 27.64 9.23 36.69
N THR E 144 28.70 9.92 36.27
CA THR E 144 29.76 9.27 35.50
C THR E 144 30.42 8.17 36.32
N GLN E 145 30.66 8.44 37.61
CA GLN E 145 31.21 7.41 38.49
C GLN E 145 30.24 6.26 38.67
N PHE E 146 28.94 6.56 38.75
CA PHE E 146 27.94 5.52 38.98
C PHE E 146 27.86 4.56 37.81
N TRP E 147 27.88 5.09 36.58
CA TRP E 147 27.73 4.23 35.41
C TRP E 147 28.93 3.31 35.20
N LYS E 148 30.11 3.71 35.70
CA LYS E 148 31.28 2.85 35.62
C LYS E 148 31.20 1.68 36.58
N GLU E 149 30.43 1.79 37.65
CA GLU E 149 30.39 0.76 38.68
C GLU E 149 29.14 -0.11 38.64
N VAL E 150 28.09 0.32 37.95
CA VAL E 150 26.83 -0.43 37.99
C VAL E 150 26.98 -1.71 37.16
N PRO E 151 26.63 -2.88 37.69
CA PRO E 151 26.73 -4.11 36.90
C PRO E 151 25.78 -4.09 35.73
N ARG E 152 26.20 -4.74 34.63
CA ARG E 152 25.41 -4.72 33.41
C ARG E 152 24.05 -5.40 33.59
N ASN E 153 23.97 -6.40 34.47
CA ASN E 153 22.69 -7.07 34.71
C ASN E 153 21.74 -6.24 35.58
N LYS E 154 22.17 -5.07 36.05
CA LYS E 154 21.31 -4.14 36.76
C LYS E 154 20.96 -2.92 35.94
N VAL E 155 21.39 -2.85 34.68
CA VAL E 155 21.09 -1.75 33.78
C VAL E 155 19.99 -2.19 32.84
N MET E 156 18.85 -1.50 32.88
CA MET E 156 17.74 -1.79 32.00
C MET E 156 17.85 -0.95 30.74
N GLU E 157 17.45 -1.53 29.61
CA GLU E 157 17.53 -0.86 28.32
C GLU E 157 16.19 -1.00 27.59
N HIS E 158 15.82 0.06 26.87
CA HIS E 158 14.61 0.05 26.05
C HIS E 158 14.85 0.91 24.82
N ARG E 159 14.51 0.36 23.65
CA ARG E 159 14.79 1.01 22.38
C ARG E 159 13.54 1.69 21.84
N LEU E 160 13.76 2.78 21.10
CA LEU E 160 12.70 3.54 20.45
C LEU E 160 13.09 3.82 19.01
N ARG E 161 12.13 3.72 18.11
CA ARG E 161 12.36 3.87 16.68
C ARG E 161 11.73 5.17 16.19
N CYS E 162 12.49 5.93 15.40
CA CYS E 162 11.98 7.15 14.81
C CYS E 162 11.08 6.84 13.61
N HIS E 163 10.03 7.64 13.45
CA HIS E 163 9.14 7.54 12.30
C HIS E 163 9.37 8.75 11.40
N THR E 164 9.34 8.50 10.08
CA THR E 164 9.59 9.57 9.12
C THR E 164 8.55 10.68 9.26
N VAL E 165 8.98 11.91 9.04
CA VAL E 165 8.08 13.06 9.12
C VAL E 165 6.99 12.90 8.08
N GLU E 166 5.74 12.90 8.53
CA GLU E 166 4.59 12.60 7.67
C GLU E 166 4.41 13.73 6.66
N SER E 167 4.80 13.46 5.42
CA SER E 167 4.67 14.43 4.34
C SER E 167 4.49 13.73 3.00
N PHE F 36 37.34 -10.56 -7.50
CA PHE F 36 37.09 -9.19 -7.92
C PHE F 36 35.62 -9.00 -8.33
N LYS F 37 34.80 -9.99 -8.00
CA LYS F 37 33.39 -9.96 -8.34
C LYS F 37 32.58 -9.39 -7.17
N LYS F 38 31.27 -9.54 -7.22
CA LYS F 38 30.42 -9.00 -6.16
C LYS F 38 30.12 -10.08 -5.11
N PRO F 39 30.25 -9.76 -3.82
CA PRO F 39 29.91 -10.75 -2.79
C PRO F 39 28.41 -10.94 -2.71
N LEU F 40 27.98 -12.19 -2.81
CA LEU F 40 26.56 -12.50 -2.76
C LEU F 40 26.00 -12.24 -1.37
N SER F 41 24.73 -11.82 -1.33
CA SER F 41 24.04 -11.60 -0.06
C SER F 41 23.79 -12.95 0.61
N VAL F 42 24.55 -13.24 1.67
CA VAL F 42 24.47 -14.53 2.34
C VAL F 42 24.69 -14.34 3.84
N PHE F 43 23.78 -14.88 4.64
CA PHE F 43 24.02 -15.05 6.06
C PHE F 43 24.76 -16.37 6.27
N LYS F 44 25.78 -16.33 7.11
CA LYS F 44 26.59 -17.51 7.42
C LYS F 44 26.42 -17.86 8.89
N GLY F 45 25.92 -19.06 9.16
CA GLY F 45 25.81 -19.57 10.49
C GLY F 45 26.56 -20.88 10.65
N PRO F 46 26.61 -21.42 11.86
CA PRO F 46 27.36 -22.67 12.07
C PRO F 46 26.72 -23.88 11.42
N LEU F 47 25.41 -23.85 11.15
CA LEU F 47 24.73 -24.97 10.51
C LEU F 47 24.43 -24.73 9.05
N LEU F 48 23.93 -23.55 8.70
CA LEU F 48 23.48 -23.26 7.36
C LEU F 48 24.05 -21.94 6.86
N HIS F 49 24.29 -21.88 5.55
CA HIS F 49 24.43 -20.62 4.84
C HIS F 49 23.10 -20.32 4.15
N ILE F 50 22.64 -19.08 4.26
CA ILE F 50 21.31 -18.69 3.81
C ILE F 50 21.45 -17.51 2.87
N SER F 51 20.96 -17.66 1.64
CA SER F 51 20.88 -16.57 0.68
C SER F 51 19.42 -16.34 0.29
N PRO F 52 18.93 -15.10 0.32
CA PRO F 52 19.69 -13.89 0.67
C PRO F 52 19.93 -13.75 2.17
N ALA F 53 20.75 -12.75 2.55
CA ALA F 53 21.15 -12.63 3.94
C ALA F 53 20.02 -12.14 4.82
N GLU F 54 19.26 -11.14 4.35
CA GLU F 54 18.27 -10.51 5.22
C GLU F 54 16.96 -10.21 4.50
N GLU F 55 17.03 -9.68 3.28
CA GLU F 55 15.84 -9.15 2.60
C GLU F 55 15.52 -9.99 1.36
N LEU F 56 14.25 -10.37 1.24
CA LEU F 56 13.77 -11.13 0.09
C LEU F 56 13.17 -10.19 -0.94
N TYR F 57 13.45 -10.48 -2.21
CA TYR F 57 12.95 -9.70 -3.34
C TYR F 57 12.19 -10.62 -4.28
N PHE F 58 10.98 -10.23 -4.66
CA PHE F 58 10.15 -11.04 -5.53
C PHE F 58 10.33 -10.65 -6.99
N GLY F 59 10.33 -11.66 -7.87
CA GLY F 59 10.42 -11.46 -9.29
C GLY F 59 9.26 -12.11 -10.02
N SER F 60 9.24 -11.89 -11.33
CA SER F 60 8.19 -12.42 -12.20
C SER F 60 8.71 -13.61 -12.99
N THR F 61 7.94 -14.69 -13.00
CA THR F 61 8.32 -15.89 -13.72
C THR F 61 7.73 -15.87 -15.12
N GLU F 62 8.36 -16.63 -16.02
CA GLU F 62 7.83 -16.78 -17.37
C GLU F 62 6.44 -17.42 -17.35
N SER F 63 6.18 -18.26 -16.35
CA SER F 63 4.87 -18.89 -16.19
C SER F 63 3.79 -17.89 -15.73
N GLY F 64 4.16 -16.66 -15.40
CA GLY F 64 3.20 -15.62 -15.10
C GLY F 64 2.92 -15.38 -13.63
N GLU F 65 3.79 -15.83 -12.73
CA GLU F 65 3.57 -15.71 -11.30
C GLU F 65 4.71 -14.91 -10.65
N LYS F 66 4.56 -14.67 -9.35
CA LYS F 66 5.55 -13.97 -8.55
C LYS F 66 6.18 -14.94 -7.57
N LYS F 67 7.50 -14.90 -7.43
CA LYS F 67 8.16 -15.79 -6.49
C LYS F 67 9.54 -15.23 -6.12
N THR F 68 10.04 -15.71 -4.99
CA THR F 68 11.40 -15.46 -4.54
C THR F 68 11.99 -16.77 -4.04
N LEU F 69 13.28 -16.74 -3.71
CA LEU F 69 13.99 -17.96 -3.33
C LEU F 69 14.72 -17.76 -2.02
N ILE F 70 14.67 -18.80 -1.17
CA ILE F 70 15.49 -18.89 0.03
C ILE F 70 16.38 -20.11 -0.15
N VAL F 71 17.67 -19.88 -0.33
CA VAL F 71 18.64 -20.95 -0.59
C VAL F 71 19.32 -21.32 0.72
N LEU F 72 19.18 -22.57 1.13
CA LEU F 72 19.83 -23.09 2.32
C LEU F 72 20.96 -24.02 1.90
N THR F 73 22.13 -23.86 2.51
CA THR F 73 23.29 -24.69 2.24
C THR F 73 23.80 -25.29 3.53
N ASN F 74 23.78 -26.63 3.62
CA ASN F 74 24.26 -27.35 4.78
C ASN F 74 25.79 -27.33 4.78
N VAL F 75 26.38 -26.65 5.76
CA VAL F 75 27.83 -26.53 5.85
C VAL F 75 28.41 -27.45 6.93
N THR F 76 27.64 -28.46 7.35
CA THR F 76 28.08 -29.39 8.38
C THR F 76 28.31 -30.77 7.79
N LYS F 77 28.63 -31.72 8.66
CA LYS F 77 28.86 -33.11 8.27
C LYS F 77 27.64 -33.99 8.49
N ASN F 78 26.58 -33.47 9.12
CA ASN F 78 25.36 -34.22 9.38
C ASN F 78 24.22 -33.68 8.54
N ILE F 79 23.13 -34.45 8.51
CA ILE F 79 21.89 -33.97 7.93
C ILE F 79 21.31 -32.88 8.83
N VAL F 80 20.85 -31.79 8.22
CA VAL F 80 20.26 -30.68 8.94
C VAL F 80 18.79 -30.61 8.56
N ALA F 81 17.91 -30.82 9.55
CA ALA F 81 16.49 -30.63 9.36
C ALA F 81 16.14 -29.16 9.51
N PHE F 82 15.22 -28.68 8.67
CA PHE F 82 14.87 -27.26 8.68
C PHE F 82 13.37 -27.09 8.57
N LYS F 83 12.88 -26.00 9.17
CA LYS F 83 11.49 -25.59 9.05
C LYS F 83 11.45 -24.09 8.78
N VAL F 84 10.38 -23.66 8.10
CA VAL F 84 10.23 -22.27 7.70
C VAL F 84 8.89 -21.77 8.26
N ARG F 85 8.95 -20.84 9.20
CA ARG F 85 7.77 -20.17 9.74
C ARG F 85 7.66 -18.78 9.13
N THR F 86 6.42 -18.37 8.84
CA THR F 86 6.14 -17.02 8.38
C THR F 86 5.14 -16.37 9.32
N THR F 87 5.23 -15.05 9.45
CA THR F 87 4.32 -14.32 10.32
C THR F 87 2.90 -14.27 9.76
N ALA F 88 2.71 -14.57 8.49
CA ALA F 88 1.39 -14.59 7.86
C ALA F 88 1.28 -15.81 6.98
N PRO F 89 0.89 -16.96 7.56
CA PRO F 89 0.81 -18.19 6.76
C PRO F 89 -0.25 -18.14 5.68
N GLU F 90 -1.29 -17.33 5.83
CA GLU F 90 -2.33 -17.19 4.82
C GLU F 90 -1.92 -16.30 3.66
N LYS F 91 -0.71 -15.73 3.70
CA LYS F 91 -0.25 -14.81 2.66
C LYS F 91 0.75 -15.43 1.70
N TYR F 92 1.57 -16.39 2.14
CA TYR F 92 2.66 -16.90 1.33
C TYR F 92 2.64 -18.43 1.31
N ARG F 93 2.85 -18.98 0.12
CA ARG F 93 3.09 -20.41 -0.05
C ARG F 93 4.60 -20.67 0.06
N VAL F 94 4.99 -21.55 0.97
CA VAL F 94 6.38 -21.88 1.22
C VAL F 94 6.58 -23.35 0.92
N LYS F 95 7.47 -23.65 -0.04
CA LYS F 95 7.71 -25.03 -0.42
C LYS F 95 9.18 -25.26 -0.74
N PRO F 96 9.87 -26.15 -0.02
CA PRO F 96 9.30 -26.86 1.13
C PRO F 96 9.41 -26.05 2.41
N SER F 97 8.51 -26.29 3.37
CA SER F 97 8.52 -25.58 4.64
C SER F 97 8.92 -26.46 5.81
N ASN F 98 9.02 -27.77 5.63
CA ASN F 98 9.36 -28.70 6.71
C ASN F 98 10.06 -29.89 6.07
N SER F 99 11.39 -29.83 6.00
CA SER F 99 12.16 -30.85 5.32
C SER F 99 13.55 -31.01 5.92
N SER F 100 14.52 -31.43 5.10
CA SER F 100 15.88 -31.65 5.55
C SER F 100 16.83 -31.41 4.39
N CYS F 101 18.11 -31.24 4.71
CA CYS F 101 19.15 -30.95 3.72
C CYS F 101 20.35 -31.83 4.01
N ASP F 102 20.80 -32.57 3.01
CA ASP F 102 21.95 -33.46 3.18
C ASP F 102 23.22 -32.64 3.39
N PRO F 103 24.21 -33.20 4.08
CA PRO F 103 25.45 -32.46 4.33
C PRO F 103 26.15 -32.09 3.02
N GLY F 104 26.51 -30.82 2.90
CA GLY F 104 27.13 -30.30 1.69
C GLY F 104 26.16 -29.98 0.57
N ALA F 105 24.89 -30.34 0.70
CA ALA F 105 23.90 -30.09 -0.33
C ALA F 105 23.23 -28.74 -0.11
N SER F 106 22.43 -28.33 -1.10
CA SER F 106 21.66 -27.10 -1.03
C SER F 106 20.20 -27.39 -1.35
N VAL F 107 19.32 -26.55 -0.83
CA VAL F 107 17.88 -26.67 -1.05
C VAL F 107 17.33 -25.30 -1.41
N ASP F 108 16.55 -25.23 -2.48
CA ASP F 108 15.90 -24.00 -2.90
C ASP F 108 14.46 -24.01 -2.37
N ILE F 109 14.17 -23.11 -1.43
CA ILE F 109 12.83 -22.93 -0.92
C ILE F 109 12.12 -21.88 -1.78
N VAL F 110 10.97 -22.24 -2.33
CA VAL F 110 10.20 -21.36 -3.19
C VAL F 110 9.13 -20.67 -2.37
N VAL F 111 9.15 -19.34 -2.36
CA VAL F 111 8.17 -18.53 -1.67
C VAL F 111 7.36 -17.78 -2.72
N SER F 112 6.03 -17.90 -2.65
CA SER F 112 5.13 -17.26 -3.60
C SER F 112 3.88 -16.84 -2.84
N PRO F 113 3.29 -15.69 -3.18
CA PRO F 113 2.13 -15.21 -2.43
C PRO F 113 0.87 -16.03 -2.75
N HIS F 114 0.04 -16.21 -1.73
CA HIS F 114 -1.31 -16.76 -1.92
C HIS F 114 -2.19 -15.63 -2.41
N GLY F 115 -2.48 -15.62 -3.70
CA GLY F 115 -3.26 -14.54 -4.28
C GLY F 115 -2.41 -13.32 -4.61
N GLY F 116 -2.93 -12.14 -4.31
CA GLY F 116 -2.22 -10.92 -4.64
C GLY F 116 -0.92 -10.77 -3.86
N LEU F 117 -0.01 -10.01 -4.45
CA LEU F 117 1.31 -9.79 -3.86
C LEU F 117 1.25 -8.49 -3.05
N THR F 118 0.94 -8.64 -1.76
CA THR F 118 0.84 -7.51 -0.84
C THR F 118 1.96 -7.59 0.18
N VAL F 119 3.17 -7.27 -0.27
CA VAL F 119 4.35 -7.33 0.59
C VAL F 119 4.24 -6.27 1.68
N SER F 120 4.46 -6.68 2.93
CA SER F 120 4.38 -5.80 4.07
C SER F 120 5.68 -5.83 4.86
N ALA F 121 5.93 -4.74 5.60
CA ALA F 121 7.13 -4.66 6.42
C ALA F 121 7.11 -5.65 7.57
N GLN F 122 5.92 -6.04 8.03
CA GLN F 122 5.77 -7.02 9.08
C GLN F 122 5.88 -8.46 8.58
N ASP F 123 6.07 -8.66 7.28
CA ASP F 123 6.23 -10.01 6.73
C ASP F 123 7.62 -10.53 7.08
N ARG F 124 7.68 -11.55 7.93
CA ARG F 124 8.92 -12.17 8.36
C ARG F 124 8.92 -13.65 8.02
N PHE F 125 10.10 -14.20 7.78
CA PHE F 125 10.28 -15.62 7.53
C PHE F 125 11.33 -16.15 8.49
N LEU F 126 10.94 -17.12 9.31
CA LEU F 126 11.83 -17.67 10.34
C LEU F 126 12.34 -19.03 9.87
N ILE F 127 13.66 -19.13 9.72
CA ILE F 127 14.32 -20.39 9.36
C ILE F 127 14.81 -21.03 10.65
N MET F 128 14.38 -22.27 10.89
CA MET F 128 14.83 -23.06 12.04
C MET F 128 15.61 -24.25 11.53
N ALA F 129 16.73 -24.57 12.19
CA ALA F 129 17.59 -25.64 11.74
C ALA F 129 18.27 -26.30 12.93
N ALA F 130 18.49 -27.61 12.82
CA ALA F 130 19.16 -28.39 13.84
C ALA F 130 19.76 -29.63 13.19
N GLU F 131 20.85 -30.12 13.78
CA GLU F 131 21.54 -31.28 13.25
C GLU F 131 20.87 -32.58 13.66
N MET F 132 20.76 -33.51 12.72
CA MET F 132 20.26 -34.84 12.99
C MET F 132 21.42 -35.82 13.12
N GLU F 133 21.20 -36.86 13.90
CA GLU F 133 22.21 -37.91 14.02
C GLU F 133 22.32 -38.69 12.72
N GLN F 134 23.52 -39.19 12.45
CA GLN F 134 23.78 -39.86 11.17
C GLN F 134 22.92 -41.10 11.03
N SER F 135 22.52 -41.38 9.78
CA SER F 135 21.68 -42.52 9.44
C SER F 135 20.34 -42.47 10.19
N SER F 136 19.65 -41.34 10.05
CA SER F 136 18.34 -41.13 10.65
C SER F 136 17.29 -40.97 9.55
N GLY F 137 16.03 -41.17 9.95
CA GLY F 137 14.94 -41.04 9.00
C GLY F 137 14.56 -39.58 8.77
N THR F 138 14.31 -39.24 7.50
CA THR F 138 13.95 -37.89 7.10
C THR F 138 12.51 -37.80 6.60
N GLY F 139 11.67 -38.76 6.96
CA GLY F 139 10.27 -38.72 6.58
C GLY F 139 9.49 -37.71 7.38
N PRO F 140 8.25 -37.43 6.98
CA PRO F 140 7.45 -36.43 7.70
C PRO F 140 7.24 -36.76 9.16
N ALA F 141 6.93 -38.01 9.48
CA ALA F 141 6.69 -38.39 10.88
C ALA F 141 7.98 -38.35 11.68
N GLU F 142 9.10 -38.78 11.07
CA GLU F 142 10.38 -38.73 11.77
C GLU F 142 10.81 -37.30 12.04
N LEU F 143 10.63 -36.42 11.06
CA LEU F 143 10.96 -35.00 11.27
C LEU F 143 10.10 -34.39 12.37
N THR F 144 8.80 -34.75 12.39
CA THR F 144 7.92 -34.25 13.44
C THR F 144 8.39 -34.69 14.82
N GLN F 145 8.80 -35.95 14.96
CA GLN F 145 9.31 -36.43 16.23
C GLN F 145 10.65 -35.78 16.57
N PHE F 146 11.48 -35.52 15.56
CA PHE F 146 12.78 -34.89 15.80
C PHE F 146 12.60 -33.50 16.43
N TRP F 147 11.69 -32.70 15.88
CA TRP F 147 11.48 -31.35 16.39
C TRP F 147 10.84 -31.34 17.77
N LYS F 148 10.12 -32.40 18.15
CA LYS F 148 9.64 -32.50 19.51
C LYS F 148 10.77 -32.81 20.49
N GLU F 149 11.82 -33.48 20.00
CA GLU F 149 12.89 -33.98 20.87
C GLU F 149 14.06 -33.01 20.99
N VAL F 150 14.40 -32.30 19.93
CA VAL F 150 15.66 -31.55 19.90
C VAL F 150 15.63 -30.46 20.96
N PRO F 151 16.66 -30.33 21.80
CA PRO F 151 16.69 -29.23 22.76
C PRO F 151 16.76 -27.89 22.07
N ARG F 152 16.18 -26.87 22.72
CA ARG F 152 16.06 -25.56 22.09
C ARG F 152 17.42 -24.89 21.91
N ASN F 153 18.40 -25.24 22.75
CA ASN F 153 19.73 -24.65 22.63
C ASN F 153 20.53 -25.24 21.47
N LYS F 154 19.98 -26.21 20.75
CA LYS F 154 20.62 -26.77 19.56
C LYS F 154 19.86 -26.43 18.30
N VAL F 155 18.80 -25.63 18.38
CA VAL F 155 18.03 -25.19 17.22
C VAL F 155 18.50 -23.79 16.85
N MET F 156 19.04 -23.66 15.65
CA MET F 156 19.48 -22.36 15.15
C MET F 156 18.33 -21.67 14.43
N GLU F 157 18.27 -20.34 14.56
CA GLU F 157 17.20 -19.56 13.96
C GLU F 157 17.78 -18.36 13.24
N HIS F 158 17.19 -18.01 12.10
CA HIS F 158 17.57 -16.83 11.35
C HIS F 158 16.32 -16.25 10.69
N ARG F 159 16.15 -14.94 10.80
CA ARG F 159 14.96 -14.27 10.30
C ARG F 159 15.24 -13.56 8.98
N LEU F 160 14.26 -13.59 8.10
CA LEU F 160 14.30 -12.87 6.83
C LEU F 160 13.05 -12.00 6.72
N ARG F 161 13.18 -10.87 6.03
CA ARG F 161 12.08 -9.96 5.82
C ARG F 161 11.92 -9.68 4.34
N CYS F 162 10.73 -9.23 3.97
N CYS F 162 10.73 -9.20 3.97
CA CYS F 162 10.38 -8.98 2.57
CA CYS F 162 10.45 -8.81 2.60
C CYS F 162 10.58 -7.51 2.23
C CYS F 162 10.76 -7.34 2.40
N HIS F 163 11.20 -7.26 1.08
N HIS F 163 11.31 -6.99 1.24
CA HIS F 163 11.28 -5.91 0.53
CA HIS F 163 11.66 -5.61 0.96
C HIS F 163 10.11 -5.68 -0.43
C HIS F 163 10.40 -4.79 0.68
N THR F 164 9.69 -4.43 -0.53
N THR F 164 10.31 -3.63 1.33
CA THR F 164 8.54 -4.11 -1.36
CA THR F 164 9.16 -2.74 1.18
C THR F 164 8.84 -4.38 -2.84
C THR F 164 9.65 -1.34 0.84
N VAL F 165 7.78 -4.64 -3.60
N VAL F 165 9.11 -0.77 -0.25
CA VAL F 165 7.93 -4.99 -5.00
CA VAL F 165 9.42 0.60 -0.66
C VAL F 165 7.89 -3.74 -5.87
C VAL F 165 10.91 0.83 -0.79
N ASP G 10 -23.99 -18.15 -33.33
CA ASP G 10 -24.72 -17.13 -32.61
C ASP G 10 -24.13 -16.92 -31.20
N GLU G 11 -23.62 -17.99 -30.62
CA GLU G 11 -23.03 -17.92 -29.30
C GLU G 11 -21.63 -17.30 -29.36
N PHE G 12 -21.07 -17.07 -28.18
CA PHE G 12 -19.76 -16.46 -28.05
C PHE G 12 -18.70 -17.50 -27.70
N TYR G 13 -17.48 -17.25 -28.16
CA TYR G 13 -16.36 -18.15 -27.95
C TYR G 13 -15.17 -17.37 -27.44
N ASP G 14 -14.32 -18.05 -26.66
CA ASP G 14 -13.12 -17.42 -26.11
C ASP G 14 -12.24 -16.87 -27.22
N ALA G 15 -11.89 -15.59 -27.11
CA ALA G 15 -11.00 -14.98 -28.08
C ALA G 15 -9.58 -15.51 -27.90
N LEU G 16 -8.76 -15.29 -28.93
CA LEU G 16 -7.41 -15.85 -28.98
C LEU G 16 -6.42 -14.76 -29.29
N SER G 17 -5.30 -14.76 -28.56
CA SER G 17 -4.25 -13.75 -28.74
C SER G 17 -3.25 -14.18 -29.80
N GLU H 11 -1.27 33.89 6.01
CA GLU H 11 -1.46 34.49 7.32
C GLU H 11 -2.64 33.84 8.04
N PHE H 12 -2.38 33.36 9.26
CA PHE H 12 -3.40 32.69 10.06
C PHE H 12 -3.93 33.64 11.12
N TYR H 13 -5.24 33.53 11.39
CA TYR H 13 -5.91 34.34 12.40
C TYR H 13 -6.70 33.43 13.32
N ASP H 14 -6.92 33.91 14.55
CA ASP H 14 -7.68 33.14 15.53
C ASP H 14 -9.06 32.79 14.99
N ALA H 15 -9.51 31.58 15.28
CA ALA H 15 -10.83 31.15 14.84
C ALA H 15 -11.91 32.00 15.51
N LEU H 16 -12.96 32.30 14.75
CA LEU H 16 -14.04 33.16 15.20
C LEU H 16 -15.01 32.48 16.16
N SER H 17 -14.68 31.27 16.62
CA SER H 17 -15.53 30.50 17.53
C SER H 17 -16.92 30.28 16.96
N ASP I 10 4.28 -4.84 -27.79
CA ASP I 10 3.83 -5.71 -26.71
C ASP I 10 4.31 -7.14 -26.93
N GLU I 11 4.75 -7.43 -28.14
CA GLU I 11 5.26 -8.75 -28.51
C GLU I 11 6.79 -8.72 -28.54
N PHE I 12 7.41 -9.65 -27.82
CA PHE I 12 8.87 -9.69 -27.70
C PHE I 12 9.45 -10.73 -28.64
N TYR I 13 10.57 -10.38 -29.27
CA TYR I 13 11.30 -11.26 -30.17
C TYR I 13 12.76 -11.31 -29.76
N ASP I 14 13.43 -12.41 -30.10
CA ASP I 14 14.83 -12.57 -29.77
C ASP I 14 15.66 -11.45 -30.37
N ALA I 15 16.55 -10.88 -29.56
CA ALA I 15 17.40 -9.79 -30.02
C ALA I 15 18.45 -10.31 -30.99
N LEU I 16 19.02 -9.39 -31.77
CA LEU I 16 19.99 -9.72 -32.80
C LEU I 16 21.27 -8.93 -32.58
N SER I 17 22.38 -9.48 -33.05
CA SER I 17 23.69 -8.85 -32.92
C SER I 17 23.80 -7.64 -33.86
N ASP J 10 -37.99 16.29 -4.23
CA ASP J 10 -38.47 14.91 -4.17
C ASP J 10 -38.43 14.37 -2.74
N GLU J 11 -39.21 13.34 -2.48
CA GLU J 11 -39.26 12.70 -1.18
C GLU J 11 -38.69 11.28 -1.27
N PHE J 12 -37.88 10.92 -0.28
CA PHE J 12 -37.20 9.63 -0.26
C PHE J 12 -37.90 8.69 0.71
N TYR J 13 -38.07 7.45 0.27
CA TYR J 13 -38.68 6.40 1.07
C TYR J 13 -37.64 5.33 1.40
N ASP J 14 -37.92 4.58 2.47
CA ASP J 14 -37.02 3.50 2.87
C ASP J 14 -36.95 2.45 1.79
N ALA J 15 -35.72 2.09 1.41
CA ALA J 15 -35.50 1.14 0.32
C ALA J 15 -35.91 -0.26 0.74
N LEU J 16 -36.36 -1.04 -0.24
CA LEU J 16 -36.81 -2.40 -0.04
C LEU J 16 -35.83 -3.38 -0.68
N SER J 17 -35.85 -4.61 -0.17
CA SER J 17 -35.00 -5.66 -0.69
C SER J 17 -35.72 -6.46 -1.77
N GLU K 11 24.31 0.02 15.79
CA GLU K 11 25.12 0.39 16.94
C GLU K 11 24.65 1.72 17.52
N PHE K 12 24.66 1.84 18.84
CA PHE K 12 24.21 3.04 19.53
C PHE K 12 25.40 3.83 20.06
N TYR K 13 25.26 5.15 20.05
CA TYR K 13 26.29 6.06 20.52
C TYR K 13 25.67 7.07 21.48
N ASP K 14 26.51 7.66 22.32
CA ASP K 14 26.05 8.65 23.28
C ASP K 14 25.44 9.85 22.58
N ALA K 15 24.21 10.19 22.94
CA ALA K 15 23.55 11.35 22.38
C ALA K 15 23.97 12.61 23.12
N LEU K 16 24.05 13.72 22.38
CA LEU K 16 24.48 14.99 22.94
C LEU K 16 23.34 16.01 22.85
N SER K 17 23.41 17.01 23.70
CA SER K 17 22.39 18.06 23.76
C SER K 17 22.71 19.21 22.82
#